data_4Z38
#
_entry.id   4Z38
#
_cell.length_a   83.170
_cell.length_b   104.670
_cell.length_c   216.100
_cell.angle_alpha   90.00
_cell.angle_beta   90.00
_cell.angle_gamma   90.00
#
_symmetry.space_group_name_H-M   'C 2 2 21'
#
loop_
_entity.id
_entity.type
_entity.pdbx_description
1 polymer MlnA
2 non-polymer 'FLAVIN MONONUCLEOTIDE'
3 water water
#
_entity_poly.entity_id   1
_entity_poly.type   'polypeptide(L)'
_entity_poly.pdbx_seq_one_letter_code
;SMKDNSESGKEHSLLAENIESGAASPVSRLGDQSFKEDYGLTYAYLAGAMHRGISSAEMLIRLGKKGMLGFFGTAGLPIR
EIEQALISIKKTLKNGQPYGMNLRFEPDHQDREKELIDLYIKHEVRVIEASSYFSVSAPLIYYKAHQLKIDKSGRVIPHN
RIIAKVSRPEVAAAFLSPPPQSIVKRMCQHGMLTEEQAEWLSRIPAADDIIIEADCGSNTEQSSLTAMLPFFVKLRDEMM
ETHKYARKIRIGAAGGIGTPESAASAFLMGADFIMTGSINQCTVEAETSGFVKEMLSGTGICDTAYAPSETLFEFGTKVQ
VLKKGTLFPVRANKLFQIYQQYESLSEIDEKTKIQLENDYFNKTFDEIYESLIEKQPNLAQKAERNQKYKMLLLFKWYLQ
RGCLLALEGQEEQKVNFQVHCGPSLGAFNHWVKGTDLESWRNRHVDDIGEKLMNETESLLRRRLDTLFLH
;
_entity_poly.pdbx_strand_id   A,B
#
loop_
_chem_comp.id
_chem_comp.type
_chem_comp.name
_chem_comp.formula
FMN non-polymer 'FLAVIN MONONUCLEOTIDE' 'C17 H21 N4 O9 P'
#
# COMPACT_ATOMS: atom_id res chain seq x y z
N ARG A 29 -10.28 -0.77 -27.67
CA ARG A 29 -9.52 -2.00 -27.90
C ARG A 29 -9.32 -2.75 -26.58
N LEU A 30 -9.07 -2.00 -25.49
CA LEU A 30 -8.90 -2.52 -24.13
C LEU A 30 -9.93 -1.82 -23.24
N GLY A 31 -10.51 -2.57 -22.29
CA GLY A 31 -11.53 -2.06 -21.38
C GLY A 31 -12.96 -2.36 -21.79
N ASP A 32 -13.91 -1.55 -21.28
CA ASP A 32 -15.36 -1.68 -21.54
C ASP A 32 -15.80 -0.85 -22.76
N GLN A 33 -16.43 -1.53 -23.73
CA GLN A 33 -16.89 -0.94 -24.99
C GLN A 33 -18.00 0.09 -24.77
N SER A 34 -18.94 -0.19 -23.86
CA SER A 34 -20.05 0.72 -23.56
C SER A 34 -19.59 2.00 -22.90
N PHE A 35 -18.55 1.94 -22.03
CA PHE A 35 -18.01 3.11 -21.34
C PHE A 35 -17.42 4.12 -22.33
N LYS A 36 -16.63 3.62 -23.29
CA LYS A 36 -16.00 4.46 -24.32
C LYS A 36 -17.05 5.19 -25.17
N GLU A 37 -18.17 4.52 -25.52
CA GLU A 37 -19.23 5.13 -26.33
C GLU A 37 -19.95 6.25 -25.59
N ASP A 38 -20.34 6.02 -24.33
CA ASP A 38 -21.05 7.00 -23.52
C ASP A 38 -20.26 8.26 -23.17
N TYR A 39 -18.92 8.15 -23.13
CA TYR A 39 -18.04 9.30 -22.82
C TYR A 39 -17.26 9.79 -24.05
N GLY A 40 -17.40 9.12 -25.21
CA GLY A 40 -16.77 9.52 -26.46
C GLY A 40 -15.27 9.33 -26.49
N LEU A 41 -14.81 8.14 -26.05
CA LEU A 41 -13.39 7.80 -25.97
C LEU A 41 -12.99 6.75 -26.99
N THR A 42 -11.70 6.74 -27.35
CA THR A 42 -11.07 5.74 -28.20
C THR A 42 -10.34 4.73 -27.30
N TYR A 43 -9.92 5.18 -26.07
CA TYR A 43 -9.25 4.35 -25.07
C TYR A 43 -10.02 4.48 -23.75
N ALA A 44 -10.19 3.37 -23.00
CA ALA A 44 -10.84 3.41 -21.68
C ALA A 44 -9.75 3.83 -20.65
N TYR A 45 -9.33 5.12 -20.76
CA TYR A 45 -8.22 5.70 -20.01
C TYR A 45 -8.59 7.10 -19.56
N LEU A 46 -8.64 7.32 -18.26
CA LEU A 46 -8.94 8.62 -17.69
C LEU A 46 -7.69 9.15 -17.03
N ALA A 47 -7.64 10.46 -16.79
CA ALA A 47 -6.51 11.09 -16.12
C ALA A 47 -7.07 11.87 -14.96
N GLY A 48 -6.74 11.44 -13.75
CA GLY A 48 -7.27 12.07 -12.56
C GLY A 48 -6.95 13.53 -12.43
N ALA A 49 -7.80 14.24 -11.68
CA ALA A 49 -7.57 15.65 -11.40
C ALA A 49 -6.33 15.85 -10.54
N MET A 50 -5.75 17.06 -10.60
CA MET A 50 -4.54 17.45 -9.86
C MET A 50 -4.76 18.90 -9.44
N HIS A 51 -5.02 19.13 -8.13
CA HIS A 51 -5.39 20.41 -7.52
C HIS A 51 -4.64 21.66 -7.98
N ARG A 52 -5.30 22.84 -7.86
CA ARG A 52 -4.75 24.13 -8.24
C ARG A 52 -4.38 24.18 -9.75
N GLY A 53 -5.22 23.56 -10.57
CA GLY A 53 -5.09 23.53 -12.02
C GLY A 53 -3.92 22.77 -12.59
N ILE A 54 -3.24 21.90 -11.78
CA ILE A 54 -2.07 21.13 -12.26
C ILE A 54 -2.49 20.24 -13.43
N SER A 55 -3.73 19.73 -13.39
CA SER A 55 -4.33 18.99 -14.49
C SER A 55 -4.98 20.14 -15.32
N SER A 56 -4.12 20.78 -16.11
CA SER A 56 -4.41 21.97 -16.89
C SER A 56 -5.43 21.82 -17.99
N ALA A 57 -5.89 22.99 -18.52
CA ALA A 57 -6.78 23.08 -19.66
C ALA A 57 -6.10 22.50 -20.90
N GLU A 58 -4.81 22.78 -21.04
CA GLU A 58 -4.01 22.28 -22.16
C GLU A 58 -3.96 20.75 -22.15
N MET A 59 -3.91 20.15 -20.93
CA MET A 59 -3.87 18.70 -20.76
C MET A 59 -5.16 18.09 -21.27
N LEU A 60 -6.30 18.59 -20.76
CA LEU A 60 -7.65 18.15 -21.19
C LEU A 60 -7.78 18.28 -22.70
N ILE A 61 -7.26 19.40 -23.26
CA ILE A 61 -7.29 19.65 -24.70
C ILE A 61 -6.54 18.58 -25.46
N ARG A 62 -5.32 18.24 -25.03
CA ARG A 62 -4.49 17.22 -25.67
C ARG A 62 -5.09 15.82 -25.51
N LEU A 63 -5.66 15.51 -24.33
CA LEU A 63 -6.32 14.20 -24.08
C LEU A 63 -7.60 14.08 -24.91
N GLY A 64 -8.36 15.17 -25.02
CA GLY A 64 -9.60 15.21 -25.79
C GLY A 64 -9.38 14.92 -27.27
N LYS A 65 -8.27 15.42 -27.84
CA LYS A 65 -7.96 15.16 -29.24
C LYS A 65 -7.55 13.70 -29.49
N LYS A 66 -7.04 12.99 -28.45
CA LYS A 66 -6.67 11.57 -28.56
C LYS A 66 -7.78 10.61 -28.12
N GLY A 67 -8.94 11.14 -27.72
CA GLY A 67 -10.06 10.32 -27.27
C GLY A 67 -9.83 9.77 -25.87
N MET A 68 -9.30 10.62 -24.98
CA MET A 68 -9.01 10.27 -23.59
C MET A 68 -9.65 11.34 -22.70
N LEU A 69 -10.03 10.96 -21.47
CA LEU A 69 -10.75 11.87 -20.59
C LEU A 69 -9.96 12.41 -19.41
N GLY A 70 -9.75 13.72 -19.42
CA GLY A 70 -9.06 14.45 -18.36
C GLY A 70 -10.03 15.25 -17.53
N PHE A 71 -9.67 15.48 -16.26
CA PHE A 71 -10.49 16.21 -15.30
C PHE A 71 -9.73 17.42 -14.84
N PHE A 72 -10.28 18.62 -15.02
CA PHE A 72 -9.58 19.85 -14.65
C PHE A 72 -9.51 20.00 -13.13
N GLY A 73 -8.31 20.31 -12.64
CA GLY A 73 -8.04 20.50 -11.22
C GLY A 73 -8.64 21.77 -10.67
N THR A 74 -9.90 21.70 -10.23
CA THR A 74 -10.63 22.84 -9.66
C THR A 74 -10.27 23.14 -8.21
N ALA A 75 -9.87 22.11 -7.44
CA ALA A 75 -9.55 22.27 -6.01
C ALA A 75 -8.51 23.36 -5.75
N GLY A 76 -8.84 24.27 -4.84
CA GLY A 76 -7.99 25.40 -4.48
C GLY A 76 -8.18 26.64 -5.32
N LEU A 77 -8.57 26.49 -6.60
CA LEU A 77 -8.73 27.62 -7.50
C LEU A 77 -9.97 28.45 -7.21
N PRO A 78 -9.93 29.78 -7.47
CA PRO A 78 -11.15 30.57 -7.33
C PRO A 78 -12.00 30.39 -8.59
N ILE A 79 -13.28 30.72 -8.48
CA ILE A 79 -14.25 30.56 -9.57
C ILE A 79 -13.81 31.29 -10.85
N ARG A 80 -13.14 32.46 -10.73
CA ARG A 80 -12.66 33.17 -11.92
C ARG A 80 -11.69 32.30 -12.77
N GLU A 81 -10.70 31.62 -12.14
CA GLU A 81 -9.76 30.76 -12.88
C GLU A 81 -10.45 29.51 -13.44
N ILE A 82 -11.47 28.98 -12.76
CA ILE A 82 -12.19 27.80 -13.22
C ILE A 82 -13.04 28.19 -14.43
N GLU A 83 -13.83 29.28 -14.31
CA GLU A 83 -14.65 29.83 -15.39
C GLU A 83 -13.81 30.13 -16.65
N GLN A 84 -12.61 30.71 -16.47
CA GLN A 84 -11.70 31.03 -17.57
C GLN A 84 -11.23 29.75 -18.26
N ALA A 85 -10.89 28.72 -17.48
CA ALA A 85 -10.43 27.43 -18.03
C ALA A 85 -11.52 26.75 -18.86
N LEU A 86 -12.77 26.82 -18.41
CA LEU A 86 -13.89 26.21 -19.12
C LEU A 86 -14.06 26.77 -20.52
N ILE A 87 -14.19 28.10 -20.63
CA ILE A 87 -14.39 28.74 -21.93
C ILE A 87 -13.18 28.50 -22.85
N SER A 88 -11.97 28.48 -22.27
CA SER A 88 -10.74 28.17 -23.00
C SER A 88 -10.84 26.78 -23.69
N ILE A 89 -11.31 25.76 -22.93
CA ILE A 89 -11.46 24.39 -23.44
C ILE A 89 -12.58 24.30 -24.47
N LYS A 90 -13.71 25.01 -24.27
CA LYS A 90 -14.82 25.00 -25.24
C LYS A 90 -14.39 25.65 -26.57
N LYS A 91 -13.59 26.73 -26.51
CA LYS A 91 -13.08 27.42 -27.72
C LYS A 91 -12.23 26.47 -28.59
N THR A 92 -11.60 25.43 -28.00
CA THR A 92 -10.75 24.49 -28.71
C THR A 92 -11.47 23.16 -28.97
N LEU A 93 -12.09 22.60 -27.92
CA LEU A 93 -12.82 21.34 -28.03
C LEU A 93 -14.30 21.60 -28.36
N LYS A 94 -14.68 21.68 -29.66
CA LYS A 94 -16.09 21.83 -30.08
C LYS A 94 -16.53 20.73 -31.08
N ASN A 95 -15.74 19.64 -31.20
CA ASN A 95 -16.05 18.51 -32.07
C ASN A 95 -16.57 17.36 -31.17
N GLY A 96 -17.18 17.69 -30.03
CA GLY A 96 -17.64 16.69 -29.07
C GLY A 96 -16.52 15.90 -28.42
N GLN A 97 -15.35 16.53 -28.23
CA GLN A 97 -14.18 15.85 -27.66
C GLN A 97 -14.32 15.71 -26.14
N PRO A 98 -13.83 14.58 -25.57
CA PRO A 98 -14.02 14.34 -24.13
C PRO A 98 -13.17 15.16 -23.16
N TYR A 99 -13.85 15.83 -22.21
CA TYR A 99 -13.21 16.61 -21.16
C TYR A 99 -14.21 16.70 -20.00
N GLY A 100 -13.69 16.84 -18.78
CA GLY A 100 -14.52 16.94 -17.60
C GLY A 100 -13.95 17.87 -16.54
N MET A 101 -14.65 17.98 -15.40
CA MET A 101 -14.24 18.85 -14.30
C MET A 101 -14.29 18.12 -12.97
N ASN A 102 -13.30 18.36 -12.11
CA ASN A 102 -13.30 17.78 -10.78
C ASN A 102 -14.22 18.59 -9.87
N LEU A 103 -14.75 17.95 -8.84
CA LEU A 103 -15.56 18.58 -7.82
C LEU A 103 -15.28 17.84 -6.52
N ARG A 104 -14.57 18.46 -5.55
CA ARG A 104 -14.31 17.85 -4.25
C ARG A 104 -15.43 18.28 -3.31
N PHE A 105 -15.53 17.64 -2.15
CA PHE A 105 -16.56 17.94 -1.16
C PHE A 105 -15.95 18.56 0.09
N GLU A 106 -16.44 19.77 0.47
CA GLU A 106 -16.05 20.49 1.66
C GLU A 106 -17.35 20.79 2.43
N PRO A 107 -17.58 20.16 3.61
CA PRO A 107 -18.86 20.42 4.34
C PRO A 107 -19.00 21.83 4.87
N ASP A 108 -17.88 22.47 5.26
CA ASP A 108 -17.88 23.84 5.77
C ASP A 108 -18.32 24.83 4.69
N HIS A 109 -18.05 24.54 3.39
CA HIS A 109 -18.40 25.40 2.27
C HIS A 109 -19.21 24.69 1.19
N GLN A 110 -20.55 24.68 1.37
CA GLN A 110 -21.50 24.07 0.43
C GLN A 110 -21.78 25.01 -0.76
N ASP A 111 -21.75 26.35 -0.54
CA ASP A 111 -22.01 27.34 -1.60
C ASP A 111 -21.05 27.19 -2.79
N ARG A 112 -19.79 26.84 -2.53
CA ARG A 112 -18.79 26.62 -3.57
C ARG A 112 -19.23 25.49 -4.51
N GLU A 113 -19.82 24.41 -3.95
CA GLU A 113 -20.32 23.26 -4.70
C GLU A 113 -21.47 23.66 -5.61
N LYS A 114 -22.51 24.31 -5.04
CA LYS A 114 -23.70 24.81 -5.76
C LYS A 114 -23.31 25.63 -7.00
N GLU A 115 -22.46 26.64 -6.79
CA GLU A 115 -21.94 27.55 -7.81
C GLU A 115 -21.20 26.81 -8.92
N LEU A 116 -20.34 25.86 -8.55
CA LEU A 116 -19.59 25.09 -9.53
C LEU A 116 -20.51 24.27 -10.45
N ILE A 117 -21.53 23.61 -9.89
CA ILE A 117 -22.48 22.85 -10.72
C ILE A 117 -23.26 23.78 -11.65
N ASP A 118 -23.65 24.99 -11.18
CA ASP A 118 -24.34 25.95 -12.05
C ASP A 118 -23.39 26.39 -13.18
N LEU A 119 -22.09 26.56 -12.85
CA LEU A 119 -21.04 26.94 -13.82
C LEU A 119 -20.81 25.82 -14.83
N TYR A 120 -20.83 24.57 -14.37
CA TYR A 120 -20.64 23.39 -15.22
C TYR A 120 -21.83 23.22 -16.18
N ILE A 121 -23.04 23.55 -15.71
CA ILE A 121 -24.27 23.52 -16.53
C ILE A 121 -24.24 24.70 -17.54
N LYS A 122 -23.74 25.87 -17.09
CA LYS A 122 -23.60 27.04 -17.96
C LYS A 122 -22.64 26.75 -19.12
N HIS A 123 -21.47 26.13 -18.82
CA HIS A 123 -20.45 25.84 -19.85
C HIS A 123 -20.53 24.46 -20.52
N GLU A 124 -21.66 23.74 -20.36
CA GLU A 124 -21.95 22.46 -21.03
C GLU A 124 -20.95 21.35 -20.73
N VAL A 125 -20.60 21.19 -19.45
CA VAL A 125 -19.69 20.13 -19.00
C VAL A 125 -20.58 18.90 -18.83
N ARG A 126 -20.32 17.85 -19.63
CA ARG A 126 -21.13 16.63 -19.68
C ARG A 126 -20.62 15.50 -18.77
N VAL A 127 -19.44 15.66 -18.14
CA VAL A 127 -18.88 14.66 -17.24
C VAL A 127 -18.10 15.33 -16.11
N ILE A 128 -18.25 14.83 -14.87
CA ILE A 128 -17.64 15.37 -13.66
C ILE A 128 -17.02 14.25 -12.79
N GLU A 129 -15.92 14.55 -12.06
CA GLU A 129 -15.24 13.63 -11.16
C GLU A 129 -15.52 14.09 -9.74
N ALA A 130 -16.34 13.33 -9.03
CA ALA A 130 -16.74 13.64 -7.67
C ALA A 130 -15.74 12.97 -6.72
N SER A 131 -15.11 13.76 -5.80
CA SER A 131 -14.11 13.29 -4.81
C SER A 131 -14.44 13.70 -3.40
N SER A 132 -13.91 12.95 -2.44
CA SER A 132 -14.07 13.18 -0.99
C SER A 132 -15.54 13.16 -0.55
N TYR A 133 -16.45 12.60 -1.39
CA TYR A 133 -17.85 12.52 -1.00
C TYR A 133 -18.04 11.26 -0.22
N PHE A 134 -18.91 11.31 0.79
CA PHE A 134 -19.30 10.16 1.59
C PHE A 134 -20.75 9.75 1.23
N SER A 135 -21.59 10.74 0.81
CA SER A 135 -22.99 10.59 0.42
C SER A 135 -23.26 11.48 -0.80
N VAL A 136 -24.20 11.09 -1.68
CA VAL A 136 -24.59 11.92 -2.82
C VAL A 136 -25.34 13.12 -2.26
N SER A 137 -25.05 14.30 -2.81
CA SER A 137 -25.59 15.58 -2.35
C SER A 137 -26.56 16.21 -3.36
N ALA A 138 -27.34 17.19 -2.88
CA ALA A 138 -28.32 17.88 -3.72
C ALA A 138 -27.68 18.51 -4.96
N PRO A 139 -26.50 19.17 -4.89
CA PRO A 139 -25.87 19.70 -6.11
C PRO A 139 -25.49 18.62 -7.13
N LEU A 140 -25.07 17.42 -6.68
CA LEU A 140 -24.76 16.31 -7.58
C LEU A 140 -26.04 15.76 -8.22
N ILE A 141 -27.14 15.71 -7.45
CA ILE A 141 -28.43 15.25 -7.98
C ILE A 141 -28.93 16.28 -9.01
N TYR A 142 -28.79 17.57 -8.72
CA TYR A 142 -29.19 18.66 -9.61
C TYR A 142 -28.41 18.61 -10.92
N TYR A 143 -27.12 18.21 -10.85
CA TYR A 143 -26.23 18.10 -12.00
C TYR A 143 -26.71 17.00 -12.97
N LYS A 144 -27.02 15.81 -12.46
CA LYS A 144 -27.51 14.68 -13.29
C LYS A 144 -28.89 14.97 -13.87
N ALA A 145 -29.73 15.69 -13.10
CA ALA A 145 -31.10 16.04 -13.48
C ALA A 145 -31.19 16.97 -14.68
N HIS A 146 -30.19 17.87 -14.87
CA HIS A 146 -30.17 18.80 -16.00
C HIS A 146 -30.23 18.07 -17.33
N GLN A 147 -31.23 18.39 -18.17
CA GLN A 147 -31.51 17.80 -19.48
C GLN A 147 -31.71 16.27 -19.40
N LEU A 148 -32.16 15.76 -18.23
CA LEU A 148 -32.45 14.34 -18.04
C LEU A 148 -33.75 14.04 -18.79
N LYS A 149 -33.82 12.87 -19.43
CA LYS A 149 -34.98 12.48 -20.21
C LYS A 149 -35.13 10.97 -20.35
N ILE A 150 -36.35 10.56 -20.74
CA ILE A 150 -36.73 9.16 -20.94
C ILE A 150 -36.96 8.94 -22.43
N ASP A 151 -36.45 7.84 -22.99
CA ASP A 151 -36.59 7.56 -24.43
C ASP A 151 -37.96 6.92 -24.73
N LYS A 152 -38.24 6.64 -26.01
CA LYS A 152 -39.50 6.01 -26.42
C LYS A 152 -39.66 4.62 -25.77
N SER A 153 -38.53 3.89 -25.60
CA SER A 153 -38.50 2.57 -24.96
C SER A 153 -38.72 2.55 -23.43
N GLY A 154 -38.83 3.72 -22.80
CA GLY A 154 -39.04 3.80 -21.35
C GLY A 154 -37.79 3.55 -20.53
N ARG A 155 -36.62 4.03 -21.01
CA ARG A 155 -35.34 3.90 -20.31
C ARG A 155 -34.81 5.29 -20.06
N VAL A 156 -34.35 5.57 -18.84
CA VAL A 156 -33.86 6.91 -18.47
C VAL A 156 -32.48 7.16 -19.11
N ILE A 157 -32.36 8.23 -19.92
CA ILE A 157 -31.14 8.58 -20.62
C ILE A 157 -30.49 9.81 -19.96
N PRO A 158 -29.33 9.66 -19.30
CA PRO A 158 -28.69 10.83 -18.67
C PRO A 158 -27.96 11.70 -19.68
N HIS A 159 -28.01 13.03 -19.48
CA HIS A 159 -27.32 14.02 -20.31
C HIS A 159 -25.95 14.28 -19.66
N ASN A 160 -26.00 14.74 -18.41
CA ASN A 160 -24.82 15.03 -17.58
C ASN A 160 -24.49 13.76 -16.77
N ARG A 161 -23.19 13.36 -16.70
CA ARG A 161 -22.74 12.15 -16.02
C ARG A 161 -21.77 12.41 -14.86
N ILE A 162 -21.76 11.52 -13.85
CA ILE A 162 -20.85 11.62 -12.70
C ILE A 162 -20.05 10.33 -12.61
N ILE A 163 -18.76 10.45 -12.29
CA ILE A 163 -17.88 9.33 -12.01
C ILE A 163 -17.38 9.62 -10.60
N ALA A 164 -17.89 8.84 -9.62
CA ALA A 164 -17.53 9.07 -8.22
C ALA A 164 -16.22 8.41 -7.91
N LYS A 165 -15.33 9.10 -7.19
CA LYS A 165 -14.01 8.61 -6.82
C LYS A 165 -14.13 8.18 -5.38
N VAL A 166 -14.17 6.86 -5.15
CA VAL A 166 -14.42 6.33 -3.82
C VAL A 166 -13.29 5.40 -3.38
N SER A 167 -13.11 5.29 -2.06
CA SER A 167 -12.10 4.43 -1.44
C SER A 167 -12.68 3.50 -0.38
N ARG A 168 -14.02 3.56 -0.10
CA ARG A 168 -14.67 2.78 0.94
C ARG A 168 -15.97 2.09 0.48
N PRO A 169 -16.25 0.88 1.02
CA PRO A 169 -17.46 0.14 0.60
C PRO A 169 -18.78 0.87 0.75
N GLU A 170 -18.99 1.49 1.90
CA GLU A 170 -20.22 2.20 2.19
C GLU A 170 -20.47 3.38 1.25
N VAL A 171 -19.38 4.05 0.80
CA VAL A 171 -19.47 5.20 -0.11
C VAL A 171 -19.75 4.64 -1.50
N ALA A 172 -19.02 3.61 -1.91
CA ALA A 172 -19.26 2.97 -3.20
C ALA A 172 -20.72 2.45 -3.26
N ALA A 173 -21.18 1.86 -2.16
CA ALA A 173 -22.55 1.37 -2.05
C ALA A 173 -23.55 2.49 -2.27
N ALA A 174 -23.32 3.63 -1.63
CA ALA A 174 -24.18 4.81 -1.76
C ALA A 174 -24.32 5.26 -3.20
N PHE A 175 -23.18 5.44 -3.86
CA PHE A 175 -23.16 5.90 -5.25
C PHE A 175 -23.65 4.88 -6.26
N LEU A 176 -23.60 3.58 -5.92
CA LEU A 176 -24.12 2.51 -6.80
C LEU A 176 -25.64 2.41 -6.63
N SER A 177 -26.12 2.67 -5.41
CA SER A 177 -27.55 2.67 -5.05
C SER A 177 -28.21 3.95 -5.61
N PRO A 178 -29.54 4.02 -5.82
CA PRO A 178 -30.14 5.27 -6.34
C PRO A 178 -30.07 6.42 -5.33
N PRO A 179 -30.30 7.68 -5.78
CA PRO A 179 -30.17 8.81 -4.84
C PRO A 179 -31.18 8.77 -3.69
N PRO A 180 -30.78 9.17 -2.45
CA PRO A 180 -31.73 9.11 -1.33
C PRO A 180 -32.99 9.88 -1.62
N GLN A 181 -34.15 9.19 -1.59
CA GLN A 181 -35.44 9.80 -1.91
C GLN A 181 -35.73 11.04 -1.06
N SER A 182 -35.20 11.07 0.17
CA SER A 182 -35.37 12.21 1.08
C SER A 182 -34.69 13.48 0.56
N ILE A 183 -33.46 13.39 -0.01
CA ILE A 183 -32.82 14.56 -0.63
C ILE A 183 -33.61 14.91 -1.89
N VAL A 184 -34.07 13.90 -2.64
CA VAL A 184 -34.81 14.12 -3.87
C VAL A 184 -36.19 14.77 -3.59
N LYS A 185 -36.90 14.33 -2.53
CA LYS A 185 -38.21 14.91 -2.15
C LYS A 185 -38.07 16.32 -1.61
N ARG A 186 -37.03 16.59 -0.82
CA ARG A 186 -36.75 17.92 -0.28
C ARG A 186 -36.39 18.88 -1.45
N MET A 187 -35.65 18.39 -2.48
CA MET A 187 -35.32 19.18 -3.67
C MET A 187 -36.55 19.58 -4.48
N CYS A 188 -37.60 18.74 -4.50
CA CYS A 188 -38.85 19.07 -5.20
C CYS A 188 -39.59 20.17 -4.45
N GLN A 189 -39.64 20.09 -3.10
CA GLN A 189 -40.25 21.11 -2.24
C GLN A 189 -39.63 22.53 -2.44
N HIS A 190 -38.37 22.62 -2.91
CA HIS A 190 -37.67 23.89 -3.18
C HIS A 190 -37.60 24.21 -4.69
N GLY A 191 -38.30 23.43 -5.53
CA GLY A 191 -38.31 23.66 -6.97
C GLY A 191 -37.03 23.35 -7.74
N MET A 192 -36.05 22.67 -7.10
CA MET A 192 -34.81 22.30 -7.79
C MET A 192 -35.07 21.16 -8.79
N LEU A 193 -36.01 20.23 -8.45
CA LEU A 193 -36.38 19.12 -9.32
C LEU A 193 -37.88 19.13 -9.57
N THR A 194 -38.32 18.47 -10.66
CA THR A 194 -39.74 18.35 -11.01
C THR A 194 -40.27 17.00 -10.48
N GLU A 195 -41.55 16.69 -10.78
CA GLU A 195 -42.16 15.43 -10.35
C GLU A 195 -41.61 14.26 -11.18
N GLU A 196 -41.49 14.45 -12.52
CA GLU A 196 -40.98 13.40 -13.42
C GLU A 196 -39.44 13.21 -13.36
N GLN A 197 -38.62 14.29 -13.13
CA GLN A 197 -37.15 14.14 -12.97
C GLN A 197 -36.85 13.29 -11.72
N ALA A 198 -37.58 13.56 -10.62
CA ALA A 198 -37.48 12.85 -9.33
C ALA A 198 -37.77 11.35 -9.44
N GLU A 199 -38.63 10.97 -10.37
CA GLU A 199 -38.96 9.57 -10.60
C GLU A 199 -37.86 8.95 -11.45
N TRP A 200 -37.39 9.68 -12.50
CA TRP A 200 -36.32 9.19 -13.37
C TRP A 200 -35.02 8.99 -12.60
N LEU A 201 -34.72 9.90 -11.64
CA LEU A 201 -33.51 9.81 -10.83
C LEU A 201 -33.52 8.56 -9.93
N SER A 202 -34.69 8.17 -9.40
CA SER A 202 -34.79 6.97 -8.56
C SER A 202 -34.54 5.67 -9.35
N ARG A 203 -34.69 5.70 -10.70
CA ARG A 203 -34.49 4.54 -11.57
C ARG A 203 -33.04 4.42 -12.10
N ILE A 204 -32.11 5.28 -11.63
CA ILE A 204 -30.71 5.28 -12.05
C ILE A 204 -29.80 5.46 -10.82
N PRO A 205 -28.54 4.98 -10.88
CA PRO A 205 -27.65 5.14 -9.72
C PRO A 205 -27.28 6.60 -9.44
N ALA A 206 -26.95 6.88 -8.16
CA ALA A 206 -26.57 8.22 -7.71
C ALA A 206 -25.40 8.82 -8.54
N ALA A 207 -24.42 7.99 -8.96
CA ALA A 207 -23.36 8.36 -9.88
C ALA A 207 -23.45 7.41 -11.06
N ASP A 208 -23.12 7.88 -12.26
CA ASP A 208 -23.18 7.03 -13.45
C ASP A 208 -22.14 5.92 -13.39
N ASP A 209 -20.93 6.23 -12.89
CA ASP A 209 -19.83 5.28 -12.73
C ASP A 209 -19.01 5.54 -11.49
N ILE A 210 -18.18 4.55 -11.13
CA ILE A 210 -17.31 4.58 -9.94
C ILE A 210 -15.85 4.38 -10.35
N ILE A 211 -14.93 4.92 -9.54
CA ILE A 211 -13.49 4.74 -9.63
C ILE A 211 -13.09 4.25 -8.24
N ILE A 212 -12.42 3.08 -8.13
CA ILE A 212 -11.93 2.62 -6.82
C ILE A 212 -10.51 3.18 -6.76
N GLU A 213 -10.26 4.09 -5.82
CA GLU A 213 -8.97 4.74 -5.64
C GLU A 213 -8.28 4.18 -4.41
N ALA A 214 -6.99 3.75 -4.53
CA ALA A 214 -6.20 3.14 -3.43
C ALA A 214 -4.73 3.61 -3.38
N ASP A 215 -4.19 3.93 -2.19
CA ASP A 215 -2.78 4.32 -1.99
C ASP A 215 -2.43 5.72 -2.54
N CYS A 216 -2.40 5.88 -3.90
CA CYS A 216 -2.13 7.15 -4.62
C CYS A 216 -1.16 8.11 -3.89
N THR A 220 -4.36 9.29 -1.05
CA THR A 220 -4.53 9.74 0.34
C THR A 220 -4.94 8.59 1.34
N GLU A 221 -5.22 7.37 0.83
CA GLU A 221 -5.61 6.24 1.67
C GLU A 221 -4.44 5.25 1.78
N GLN A 222 -4.57 4.23 2.66
CA GLN A 222 -3.54 3.20 2.86
C GLN A 222 -3.92 1.87 2.20
N SER A 223 -5.06 1.85 1.49
CA SER A 223 -5.65 0.70 0.83
C SER A 223 -4.78 0.09 -0.27
N SER A 224 -5.03 -1.20 -0.57
CA SER A 224 -4.32 -1.99 -1.57
C SER A 224 -5.25 -2.30 -2.75
N LEU A 225 -4.95 -1.82 -3.99
CA LEU A 225 -5.83 -2.07 -5.12
C LEU A 225 -6.05 -3.58 -5.34
N THR A 226 -5.04 -4.41 -5.03
CA THR A 226 -5.15 -5.87 -5.19
C THR A 226 -6.22 -6.48 -4.26
N ALA A 227 -6.31 -5.98 -3.02
CA ALA A 227 -7.28 -6.45 -2.03
C ALA A 227 -8.66 -5.77 -2.17
N MET A 228 -8.69 -4.53 -2.69
CA MET A 228 -9.92 -3.74 -2.81
C MET A 228 -10.67 -3.99 -4.10
N LEU A 229 -10.00 -3.89 -5.26
CA LEU A 229 -10.61 -4.01 -6.59
C LEU A 229 -11.54 -5.23 -6.81
N PRO A 230 -11.16 -6.45 -6.38
CA PRO A 230 -12.08 -7.59 -6.57
C PRO A 230 -13.41 -7.45 -5.83
N PHE A 231 -13.39 -6.80 -4.63
CA PHE A 231 -14.57 -6.61 -3.80
C PHE A 231 -15.56 -5.68 -4.46
N PHE A 232 -15.10 -4.47 -4.83
CA PHE A 232 -15.94 -3.44 -5.44
C PHE A 232 -16.50 -3.91 -6.78
N VAL A 233 -15.73 -4.71 -7.53
CA VAL A 233 -16.22 -5.30 -8.80
C VAL A 233 -17.41 -6.21 -8.51
N LYS A 234 -17.34 -7.01 -7.41
CA LYS A 234 -18.45 -7.90 -7.01
C LYS A 234 -19.60 -7.06 -6.47
N LEU A 235 -19.29 -6.01 -5.67
CA LEU A 235 -20.32 -5.10 -5.15
C LEU A 235 -21.12 -4.48 -6.31
N ARG A 236 -20.45 -4.12 -7.42
CA ARG A 236 -21.13 -3.58 -8.62
C ARG A 236 -22.09 -4.62 -9.17
N ASP A 237 -21.62 -5.87 -9.29
CA ASP A 237 -22.42 -6.98 -9.80
C ASP A 237 -23.64 -7.23 -8.88
N GLU A 238 -23.44 -7.17 -7.55
CA GLU A 238 -24.51 -7.33 -6.55
C GLU A 238 -25.55 -6.24 -6.75
N MET A 239 -25.09 -4.99 -6.85
CA MET A 239 -25.96 -3.82 -7.06
C MET A 239 -26.69 -3.88 -8.41
N MET A 240 -26.08 -4.52 -9.42
CA MET A 240 -26.69 -4.65 -10.74
C MET A 240 -27.89 -5.61 -10.71
N GLU A 241 -27.73 -6.80 -10.09
CA GLU A 241 -28.83 -7.76 -10.00
C GLU A 241 -29.91 -7.28 -9.01
N THR A 242 -29.52 -6.47 -8.01
CA THR A 242 -30.44 -5.91 -7.01
C THR A 242 -31.31 -4.84 -7.62
N HIS A 243 -30.73 -3.70 -7.99
CA HIS A 243 -31.47 -2.57 -8.53
C HIS A 243 -31.96 -2.76 -9.99
N LYS A 244 -31.26 -3.61 -10.79
CA LYS A 244 -31.63 -3.92 -12.18
C LYS A 244 -31.83 -2.68 -13.04
N TYR A 245 -30.75 -1.91 -13.17
CA TYR A 245 -30.78 -0.70 -13.98
C TYR A 245 -30.73 -1.11 -15.46
N ALA A 246 -31.03 -0.15 -16.37
CA ALA A 246 -31.04 -0.44 -17.82
C ALA A 246 -29.61 -0.73 -18.27
N ARG A 247 -28.74 0.26 -18.14
CA ARG A 247 -27.35 0.16 -18.54
C ARG A 247 -26.46 -0.26 -17.36
N LYS A 248 -25.34 -0.96 -17.65
CA LYS A 248 -24.40 -1.41 -16.63
C LYS A 248 -23.58 -0.24 -16.07
N ILE A 249 -23.07 -0.38 -14.82
CA ILE A 249 -22.25 0.61 -14.13
C ILE A 249 -20.85 0.08 -14.29
N ARG A 250 -19.89 0.94 -14.61
CA ARG A 250 -18.53 0.54 -14.90
C ARG A 250 -17.66 0.92 -13.74
N ILE A 251 -16.71 0.05 -13.37
CA ILE A 251 -15.81 0.25 -12.23
C ILE A 251 -14.42 0.57 -12.76
N GLY A 252 -13.91 1.71 -12.33
CA GLY A 252 -12.59 2.18 -12.72
C GLY A 252 -11.57 1.79 -11.68
N ALA A 253 -10.28 1.90 -12.02
CA ALA A 253 -9.19 1.57 -11.10
C ALA A 253 -8.17 2.68 -11.11
N ALA A 254 -7.82 3.17 -9.91
CA ALA A 254 -6.86 4.26 -9.72
C ALA A 254 -5.96 3.99 -8.52
N GLY A 255 -4.74 4.51 -8.57
CA GLY A 255 -3.77 4.34 -7.49
C GLY A 255 -2.83 3.20 -7.75
N GLY A 256 -1.63 3.54 -8.24
CA GLY A 256 -0.57 2.57 -8.52
C GLY A 256 -0.39 2.20 -9.98
N ILE A 257 -1.19 2.79 -10.92
CA ILE A 257 -1.07 2.47 -12.34
C ILE A 257 -0.10 3.44 -13.02
N GLY A 258 1.14 2.98 -13.21
CA GLY A 258 2.22 3.70 -13.88
C GLY A 258 2.95 2.90 -14.94
N THR A 259 2.56 1.63 -15.19
CA THR A 259 3.25 0.75 -16.13
C THR A 259 2.27 -0.19 -16.85
N PRO A 260 2.68 -0.80 -17.98
CA PRO A 260 1.81 -1.75 -18.65
C PRO A 260 1.35 -2.93 -17.77
N GLU A 261 2.19 -3.39 -16.87
CA GLU A 261 1.81 -4.52 -16.01
C GLU A 261 0.94 -4.08 -14.84
N SER A 262 1.02 -2.81 -14.43
CA SER A 262 0.10 -2.30 -13.40
C SER A 262 -1.30 -2.20 -13.93
N ALA A 263 -1.44 -1.65 -15.14
CA ALA A 263 -2.71 -1.52 -15.82
C ALA A 263 -3.24 -2.90 -16.19
N ALA A 264 -2.38 -3.78 -16.73
CA ALA A 264 -2.78 -5.14 -17.12
C ALA A 264 -3.36 -5.88 -15.92
N SER A 265 -2.74 -5.67 -14.75
CA SER A 265 -3.19 -6.26 -13.50
C SER A 265 -4.60 -5.72 -13.16
N ALA A 266 -4.82 -4.40 -13.24
CA ALA A 266 -6.13 -3.78 -12.95
C ALA A 266 -7.21 -4.32 -13.89
N PHE A 267 -6.90 -4.34 -15.19
CA PHE A 267 -7.83 -4.85 -16.21
C PHE A 267 -8.11 -6.33 -16.00
N LEU A 268 -7.11 -7.11 -15.57
CA LEU A 268 -7.30 -8.54 -15.29
C LEU A 268 -8.20 -8.73 -14.05
N MET A 269 -8.14 -7.80 -13.05
CA MET A 269 -8.99 -7.85 -11.83
C MET A 269 -10.46 -7.40 -12.08
N GLY A 270 -10.76 -6.95 -13.30
CA GLY A 270 -12.11 -6.58 -13.69
C GLY A 270 -12.36 -5.10 -13.89
N ALA A 271 -11.30 -4.27 -13.96
CA ALA A 271 -11.49 -2.83 -14.15
C ALA A 271 -12.04 -2.60 -15.54
N ASP A 272 -13.07 -1.77 -15.65
CA ASP A 272 -13.70 -1.42 -16.93
C ASP A 272 -12.95 -0.27 -17.60
N PHE A 273 -12.11 0.42 -16.81
CA PHE A 273 -11.24 1.48 -17.29
C PHE A 273 -10.17 1.71 -16.23
N ILE A 274 -9.07 2.37 -16.57
CA ILE A 274 -8.03 2.70 -15.59
C ILE A 274 -7.86 4.22 -15.52
N MET A 275 -7.30 4.72 -14.42
CA MET A 275 -7.03 6.15 -14.22
C MET A 275 -5.61 6.33 -13.71
N THR A 276 -4.96 7.40 -14.18
CA THR A 276 -3.58 7.70 -13.86
C THR A 276 -3.40 9.12 -13.39
N GLY A 277 -2.70 9.32 -12.26
CA GLY A 277 -2.45 10.66 -11.78
C GLY A 277 -0.99 11.10 -11.66
N SER A 278 -0.19 10.32 -10.96
CA SER A 278 1.17 10.72 -10.61
C SER A 278 2.05 10.89 -11.85
N ILE A 279 1.86 10.03 -12.83
CA ILE A 279 2.63 10.05 -14.08
C ILE A 279 2.39 11.34 -14.88
N ASN A 280 1.11 11.77 -14.93
CA ASN A 280 0.68 12.94 -15.68
C ASN A 280 1.30 14.24 -15.17
N GLN A 281 1.67 14.30 -13.89
CA GLN A 281 2.30 15.51 -13.34
C GLN A 281 3.67 15.77 -14.01
N CYS A 282 4.33 14.72 -14.51
CA CYS A 282 5.64 14.79 -15.17
C CYS A 282 5.50 14.80 -16.70
N THR A 283 4.81 15.80 -17.25
CA THR A 283 4.61 15.92 -18.70
C THR A 283 4.60 17.41 -19.10
N VAL A 284 4.81 17.73 -20.39
CA VAL A 284 4.84 19.13 -20.87
C VAL A 284 3.53 19.89 -20.57
N GLU A 285 2.38 19.21 -20.70
CA GLU A 285 1.05 19.79 -20.50
C GLU A 285 0.65 20.13 -19.07
N ALA A 286 1.15 19.42 -18.05
CA ALA A 286 0.78 19.71 -16.66
C ALA A 286 1.28 21.09 -16.20
N GLU A 287 0.45 21.84 -15.44
CA GLU A 287 0.78 23.17 -14.93
C GLU A 287 1.44 23.11 -13.57
N THR A 288 2.74 22.81 -13.57
CA THR A 288 3.60 22.80 -12.37
C THR A 288 5.00 23.28 -12.79
N SER A 289 5.81 23.76 -11.84
CA SER A 289 7.14 24.30 -12.16
C SER A 289 8.06 23.29 -12.84
N GLY A 290 8.88 23.76 -13.78
CA GLY A 290 9.81 22.92 -14.53
C GLY A 290 10.80 22.17 -13.68
N PHE A 291 11.23 22.77 -12.55
CA PHE A 291 12.18 22.18 -11.62
C PHE A 291 11.53 20.93 -11.01
N VAL A 292 10.24 21.05 -10.63
CA VAL A 292 9.46 19.95 -10.09
C VAL A 292 9.34 18.85 -11.15
N LYS A 293 9.06 19.21 -12.42
CA LYS A 293 9.01 18.20 -13.50
C LYS A 293 10.37 17.49 -13.66
N GLU A 294 11.47 18.21 -13.44
CA GLU A 294 12.81 17.60 -13.48
C GLU A 294 12.99 16.70 -12.24
N MET A 295 12.56 17.18 -11.03
CA MET A 295 12.64 16.36 -9.81
C MET A 295 11.89 15.04 -10.02
N LEU A 296 10.67 15.15 -10.51
CA LEU A 296 9.77 14.03 -10.81
C LEU A 296 10.37 13.02 -11.82
N SER A 297 11.12 13.50 -12.83
CA SER A 297 11.73 12.63 -13.87
C SER A 297 12.66 11.55 -13.31
N GLY A 298 13.41 11.89 -12.26
CA GLY A 298 14.36 10.99 -11.64
C GLY A 298 13.91 10.25 -10.39
N THR A 299 12.62 10.27 -10.07
CA THR A 299 12.14 9.57 -8.88
C THR A 299 12.12 8.07 -9.09
N GLY A 300 12.32 7.34 -8.01
CA GLY A 300 12.30 5.89 -7.97
C GLY A 300 11.07 5.42 -7.22
N ILE A 301 10.89 4.10 -7.16
CA ILE A 301 9.76 3.49 -6.48
C ILE A 301 9.70 3.82 -4.98
N CYS A 302 10.88 3.97 -4.33
CA CYS A 302 10.96 4.25 -2.90
C CYS A 302 11.21 5.72 -2.53
N ASP A 303 10.87 6.67 -3.43
CA ASP A 303 11.10 8.11 -3.19
C ASP A 303 9.83 8.91 -2.79
N THR A 304 8.82 8.25 -2.16
CA THR A 304 7.62 8.92 -1.68
C THR A 304 7.42 8.70 -0.18
N ALA A 305 6.57 9.51 0.47
CA ALA A 305 6.31 9.40 1.91
C ALA A 305 4.91 9.85 2.24
N TYR A 306 4.35 9.29 3.32
CA TYR A 306 3.02 9.65 3.81
C TYR A 306 3.13 10.80 4.86
N ALA A 307 2.69 11.99 4.46
CA ALA A 307 2.67 13.22 5.26
C ALA A 307 1.25 13.47 5.75
N PRO A 308 1.01 14.36 6.74
CA PRO A 308 -0.38 14.66 7.14
C PRO A 308 -1.13 15.47 6.06
N SER A 309 -2.45 15.23 5.93
CA SER A 309 -3.28 15.89 4.94
C SER A 309 -3.66 17.28 5.37
N GLU A 310 -3.82 18.21 4.39
CA GLU A 310 -4.28 19.58 4.66
C GLU A 310 -5.68 19.46 5.29
N THR A 311 -6.62 18.79 4.60
CA THR A 311 -7.97 18.58 5.12
C THR A 311 -7.98 17.32 6.01
N LEU A 312 -8.60 17.43 7.20
CA LEU A 312 -8.67 16.38 8.23
C LEU A 312 -7.28 16.04 8.78
N PHE A 313 -6.47 17.10 9.02
CA PHE A 313 -5.12 17.04 9.57
C PHE A 313 -5.15 16.41 10.96
N GLU A 314 -5.94 17.03 11.88
CA GLU A 314 -6.09 16.58 13.28
C GLU A 314 -6.49 15.11 13.44
N PHE A 315 -7.20 14.53 12.45
CA PHE A 315 -7.65 13.14 12.51
C PHE A 315 -6.64 12.11 11.98
N GLY A 316 -5.39 12.53 11.72
CA GLY A 316 -4.35 11.64 11.24
C GLY A 316 -4.53 11.20 9.80
N THR A 317 -5.20 12.03 8.95
CA THR A 317 -5.41 11.69 7.54
C THR A 317 -4.08 11.91 6.82
N LYS A 318 -3.67 10.92 6.03
CA LYS A 318 -2.38 10.91 5.34
C LYS A 318 -2.45 11.34 3.89
N VAL A 319 -1.31 11.78 3.37
CA VAL A 319 -1.17 12.19 1.98
C VAL A 319 0.21 11.74 1.46
N GLN A 320 0.27 11.07 0.29
CA GLN A 320 1.53 10.62 -0.28
C GLN A 320 2.19 11.74 -1.06
N VAL A 321 3.41 12.07 -0.67
CA VAL A 321 4.18 13.16 -1.26
C VAL A 321 5.56 12.71 -1.68
N LEU A 322 6.24 13.58 -2.42
CA LEU A 322 7.63 13.40 -2.87
C LEU A 322 8.60 13.51 -1.68
N LYS A 323 9.58 12.62 -1.64
CA LYS A 323 10.60 12.55 -0.60
C LYS A 323 11.98 12.99 -1.09
N LYS A 324 12.30 12.78 -2.37
CA LYS A 324 13.61 13.07 -2.95
C LYS A 324 13.83 14.57 -3.24
N GLY A 325 14.62 15.22 -2.39
CA GLY A 325 15.01 16.62 -2.53
C GLY A 325 14.33 17.57 -1.57
N THR A 326 13.21 17.13 -0.98
CA THR A 326 12.43 17.94 -0.06
C THR A 326 12.48 17.35 1.35
N LEU A 327 12.41 18.24 2.34
CA LEU A 327 12.30 17.91 3.75
C LEU A 327 10.85 18.03 4.21
N PHE A 328 9.95 18.45 3.29
CA PHE A 328 8.53 18.68 3.55
C PHE A 328 7.82 17.49 4.23
N PRO A 329 7.99 16.23 3.80
CA PRO A 329 7.30 15.13 4.48
C PRO A 329 7.69 14.99 5.96
N VAL A 330 8.98 15.22 6.29
CA VAL A 330 9.49 15.11 7.66
C VAL A 330 9.02 16.29 8.49
N ARG A 331 9.17 17.50 7.91
CA ARG A 331 8.76 18.76 8.53
C ARG A 331 7.24 18.82 8.76
N ALA A 332 6.43 18.34 7.79
CA ALA A 332 4.97 18.27 7.92
C ALA A 332 4.57 17.25 8.99
N ASN A 333 5.20 16.08 9.00
CA ASN A 333 4.94 15.05 10.00
C ASN A 333 5.35 15.53 11.40
N LYS A 334 6.43 16.34 11.51
CA LYS A 334 6.87 16.88 12.79
C LYS A 334 5.83 17.85 13.35
N LEU A 335 5.18 18.65 12.48
CA LEU A 335 4.13 19.57 12.91
C LEU A 335 2.93 18.82 13.50
N PHE A 336 2.60 17.62 12.99
CA PHE A 336 1.48 16.86 13.53
C PHE A 336 1.82 16.34 14.95
N GLN A 337 3.10 15.93 15.19
CA GLN A 337 3.55 15.46 16.50
C GLN A 337 3.42 16.57 17.53
N ILE A 338 3.78 17.80 17.13
CA ILE A 338 3.71 18.99 17.99
C ILE A 338 2.23 19.28 18.36
N TYR A 339 1.30 19.11 17.41
CA TYR A 339 -0.13 19.38 17.62
C TYR A 339 -0.75 18.43 18.67
N GLN A 340 -0.38 17.15 18.63
CA GLN A 340 -0.91 16.16 19.58
C GLN A 340 -0.23 16.25 20.95
N GLN A 341 1.05 16.68 20.97
CA GLN A 341 1.86 16.84 22.19
C GLN A 341 1.31 17.91 23.11
N TYR A 342 1.25 19.17 22.63
CA TYR A 342 0.80 20.32 23.39
C TYR A 342 -0.68 20.62 23.20
N GLU A 343 -1.21 21.48 24.09
CA GLU A 343 -2.60 21.97 24.06
C GLU A 343 -2.67 23.41 23.54
N SER A 344 -1.67 24.25 23.87
CA SER A 344 -1.59 25.64 23.42
C SER A 344 -0.44 25.85 22.44
N LEU A 345 -0.58 26.85 21.57
CA LEU A 345 0.44 27.22 20.59
C LEU A 345 1.67 27.80 21.30
N SER A 346 1.46 28.54 22.43
CA SER A 346 2.54 29.15 23.20
C SER A 346 3.30 28.16 24.11
N GLU A 347 2.75 26.95 24.34
CA GLU A 347 3.39 25.94 25.18
C GLU A 347 4.56 25.21 24.49
N ILE A 348 4.86 25.52 23.21
CA ILE A 348 5.96 24.88 22.49
C ILE A 348 7.26 25.45 23.05
N ASP A 349 8.18 24.57 23.52
CA ASP A 349 9.47 25.00 24.11
C ASP A 349 10.26 25.91 23.18
N GLU A 350 10.99 26.89 23.77
CA GLU A 350 11.77 27.91 23.04
C GLU A 350 12.74 27.31 22.02
N LYS A 351 13.40 26.19 22.36
CA LYS A 351 14.38 25.53 21.48
C LYS A 351 13.77 25.13 20.13
N THR A 352 12.60 24.47 20.17
CA THR A 352 11.89 24.02 18.96
C THR A 352 11.04 25.14 18.34
N LYS A 353 10.60 26.14 19.12
CA LYS A 353 9.79 27.26 18.62
C LYS A 353 10.55 28.07 17.55
N ILE A 354 11.86 28.27 17.77
CA ILE A 354 12.70 29.06 16.85
C ILE A 354 12.98 28.40 15.49
N GLN A 355 13.16 27.07 15.44
CA GLN A 355 13.48 26.39 14.17
C GLN A 355 12.30 26.40 13.20
N LEU A 356 11.05 26.40 13.70
CA LEU A 356 9.86 26.45 12.84
C LEU A 356 9.74 27.82 12.19
N GLU A 357 9.89 28.89 12.99
CA GLU A 357 9.77 30.26 12.50
C GLU A 357 10.87 30.70 11.52
N ASN A 358 12.02 29.99 11.45
CA ASN A 358 13.11 30.36 10.53
C ASN A 358 13.39 29.34 9.40
N ASP A 359 13.41 28.02 9.68
CA ASP A 359 13.70 27.00 8.65
C ASP A 359 12.47 26.55 7.85
N TYR A 360 11.33 26.31 8.52
CA TYR A 360 10.11 25.75 7.91
C TYR A 360 9.41 26.83 7.13
N PHE A 361 9.31 28.01 7.72
CA PHE A 361 8.82 29.18 7.00
C PHE A 361 9.55 30.42 7.50
N ASN A 362 9.43 31.54 6.77
CA ASN A 362 10.17 32.75 7.09
C ASN A 362 9.29 33.83 7.71
N LYS A 363 8.45 33.43 8.69
CA LYS A 363 7.57 34.34 9.43
C LYS A 363 7.38 33.85 10.87
N THR A 364 7.20 34.79 11.81
CA THR A 364 6.96 34.52 13.23
C THR A 364 5.49 34.07 13.42
N PHE A 365 5.15 33.41 14.56
CA PHE A 365 3.78 32.94 14.86
C PHE A 365 2.76 34.09 14.81
N ASP A 366 3.11 35.25 15.41
CA ASP A 366 2.27 36.44 15.37
C ASP A 366 2.21 37.01 13.95
N GLU A 367 3.35 37.02 13.24
CA GLU A 367 3.45 37.53 11.86
C GLU A 367 2.63 36.71 10.88
N ILE A 368 2.73 35.37 10.96
CA ILE A 368 1.96 34.49 10.06
C ILE A 368 0.45 34.56 10.33
N TYR A 369 0.04 34.82 11.58
CA TYR A 369 -1.38 34.99 11.93
C TYR A 369 -1.92 36.20 11.15
N GLU A 370 -1.08 37.26 10.94
CA GLU A 370 -1.47 38.45 10.17
C GLU A 370 -1.69 38.08 8.70
N SER A 371 -0.91 37.13 8.16
CA SER A 371 -1.06 36.69 6.77
C SER A 371 -2.43 36.07 6.50
N LEU A 372 -3.07 35.47 7.52
CA LEU A 372 -4.41 34.86 7.39
C LEU A 372 -5.57 35.80 7.78
N ILE A 373 -5.32 37.12 7.98
CA ILE A 373 -6.38 38.09 8.29
C ILE A 373 -7.26 38.29 7.04
N GLU A 374 -6.62 38.50 5.88
CA GLU A 374 -7.28 38.74 4.59
C GLU A 374 -8.35 37.70 4.23
N LYS A 375 -8.05 36.40 4.40
CA LYS A 375 -8.97 35.33 4.05
C LYS A 375 -10.29 35.38 4.83
N GLN A 376 -10.24 35.50 6.17
CA GLN A 376 -11.47 35.50 6.99
C GLN A 376 -11.22 36.00 8.43
N PRO A 377 -11.82 37.12 8.88
CA PRO A 377 -11.65 37.53 10.29
C PRO A 377 -12.49 36.71 11.28
N ASN A 378 -13.68 36.21 10.89
CA ASN A 378 -14.54 35.42 11.79
C ASN A 378 -13.90 34.14 12.32
N LEU A 379 -12.98 33.51 11.56
CA LEU A 379 -12.29 32.32 12.05
C LEU A 379 -11.20 32.70 13.06
N ALA A 380 -10.69 33.94 12.99
CA ALA A 380 -9.70 34.45 13.95
C ALA A 380 -10.36 34.66 15.34
N GLN A 381 -11.70 34.78 15.40
CA GLN A 381 -12.46 34.89 16.64
C GLN A 381 -12.40 33.55 17.40
N LYS A 382 -12.63 32.43 16.67
CA LYS A 382 -12.59 31.06 17.21
C LYS A 382 -11.18 30.73 17.74
N ALA A 383 -10.15 31.28 17.09
CA ALA A 383 -8.74 31.10 17.45
C ALA A 383 -8.41 31.64 18.84
N GLU A 384 -8.93 32.83 19.19
CA GLU A 384 -8.68 33.39 20.52
C GLU A 384 -9.48 32.60 21.58
N ARG A 385 -10.61 31.99 21.18
CA ARG A 385 -11.48 31.20 22.04
C ARG A 385 -10.82 29.85 22.35
N ASN A 386 -10.46 29.09 21.31
CA ASN A 386 -9.82 27.77 21.42
C ASN A 386 -8.35 27.84 21.03
N GLN A 387 -7.46 27.46 21.96
CA GLN A 387 -6.01 27.49 21.70
C GLN A 387 -5.52 26.34 20.78
N LYS A 388 -6.30 25.25 20.59
CA LYS A 388 -5.92 24.16 19.68
C LYS A 388 -6.14 24.65 18.24
N TYR A 389 -7.34 25.22 17.94
CA TYR A 389 -7.66 25.73 16.60
C TYR A 389 -6.62 26.78 16.12
N LYS A 390 -6.08 27.56 17.08
CA LYS A 390 -5.05 28.58 16.86
C LYS A 390 -3.81 27.95 16.21
N MET A 391 -3.29 26.85 16.78
CA MET A 391 -2.13 26.15 16.22
C MET A 391 -2.49 25.28 15.01
N LEU A 392 -3.73 24.75 14.94
CA LEU A 392 -4.16 23.93 13.81
C LEU A 392 -4.06 24.67 12.47
N LEU A 393 -4.64 25.88 12.38
CA LEU A 393 -4.59 26.66 11.13
C LEU A 393 -3.19 27.15 10.76
N LEU A 394 -2.29 27.27 11.75
CA LEU A 394 -0.90 27.69 11.49
C LEU A 394 -0.17 26.57 10.78
N PHE A 395 -0.28 25.34 11.31
CA PHE A 395 0.35 24.18 10.71
C PHE A 395 -0.28 23.83 9.36
N LYS A 396 -1.60 24.10 9.18
CA LYS A 396 -2.27 23.86 7.88
C LYS A 396 -1.70 24.83 6.80
N TRP A 397 -1.21 26.05 7.18
CA TRP A 397 -0.59 26.98 6.23
C TRP A 397 0.76 26.46 5.75
N TYR A 398 1.51 25.73 6.59
CA TYR A 398 2.79 25.17 6.14
C TYR A 398 2.57 24.25 4.95
N LEU A 399 1.49 23.45 5.01
CA LEU A 399 1.13 22.52 3.95
C LEU A 399 0.71 23.28 2.71
N GLN A 400 -0.11 24.36 2.87
CA GLN A 400 -0.53 25.19 1.73
C GLN A 400 0.71 25.87 1.11
N ARG A 401 1.53 26.56 1.94
CA ARG A 401 2.78 27.22 1.55
C ARG A 401 3.67 26.28 0.74
N GLY A 402 3.81 25.03 1.20
CA GLY A 402 4.61 24.03 0.52
C GLY A 402 4.14 23.73 -0.89
N CYS A 403 2.83 23.64 -1.07
CA CYS A 403 2.21 23.37 -2.37
C CYS A 403 2.42 24.55 -3.33
N LEU A 404 2.22 25.78 -2.82
CA LEU A 404 2.38 27.01 -3.61
C LEU A 404 3.84 27.18 -4.04
N LEU A 405 4.79 26.95 -3.13
CA LEU A 405 6.23 27.05 -3.44
C LEU A 405 6.66 26.08 -4.54
N ALA A 406 6.06 24.87 -4.58
CA ALA A 406 6.38 23.90 -5.63
C ALA A 406 5.90 24.41 -6.98
N LEU A 407 4.69 25.00 -7.03
CA LEU A 407 4.13 25.56 -8.27
C LEU A 407 4.92 26.77 -8.79
N GLU A 408 5.55 27.55 -7.89
CA GLU A 408 6.30 28.74 -8.28
C GLU A 408 7.62 28.44 -9.02
N GLY A 409 8.03 29.40 -9.87
CA GLY A 409 9.25 29.37 -10.67
C GLY A 409 10.33 30.31 -10.15
N GLN A 410 11.60 30.05 -10.51
CA GLN A 410 12.80 30.74 -10.01
C GLN A 410 13.03 30.21 -8.56
N GLU A 411 12.59 28.96 -8.29
CA GLU A 411 12.60 28.38 -6.95
C GLU A 411 13.83 27.59 -6.55
N GLU A 412 14.31 27.91 -5.34
CA GLU A 412 15.39 27.24 -4.63
C GLU A 412 14.91 26.96 -3.19
N GLN A 413 13.55 26.89 -2.98
CA GLN A 413 12.94 26.57 -1.69
C GLN A 413 12.43 25.12 -1.77
N LYS A 414 13.23 24.25 -2.45
CA LYS A 414 13.04 22.81 -2.68
C LYS A 414 12.81 22.09 -1.36
N VAL A 415 13.56 22.49 -0.32
CA VAL A 415 13.46 21.95 1.04
C VAL A 415 12.01 21.87 1.59
N ASN A 416 11.13 22.82 1.19
CA ASN A 416 9.72 22.89 1.64
C ASN A 416 8.65 22.56 0.57
N PHE A 417 9.07 22.19 -0.65
CA PHE A 417 8.19 21.77 -1.74
C PHE A 417 7.30 20.58 -1.37
N GLN A 418 5.98 20.72 -1.56
CA GLN A 418 5.03 19.64 -1.36
C GLN A 418 4.59 19.28 -2.74
N VAL A 419 5.03 18.13 -3.23
CA VAL A 419 4.68 17.63 -4.55
C VAL A 419 4.03 16.30 -4.29
N HIS A 420 2.75 16.18 -4.68
CA HIS A 420 1.98 14.97 -4.47
C HIS A 420 2.46 13.97 -5.48
N CYS A 421 2.76 12.76 -5.02
CA CYS A 421 3.30 11.73 -5.89
C CYS A 421 3.11 10.35 -5.26
N GLY A 422 3.12 9.35 -6.12
CA GLY A 422 3.02 7.97 -5.70
C GLY A 422 4.10 7.12 -6.35
N PRO A 423 4.31 5.88 -5.86
CA PRO A 423 5.32 5.01 -6.47
C PRO A 423 5.16 4.75 -7.98
N SER A 424 3.93 4.94 -8.50
CA SER A 424 3.60 4.77 -9.92
C SER A 424 4.50 5.59 -10.83
N LEU A 425 4.84 6.82 -10.43
CA LEU A 425 5.75 7.64 -11.24
C LEU A 425 7.12 6.99 -11.31
N GLY A 426 7.63 6.56 -10.17
CA GLY A 426 8.89 5.86 -10.08
C GLY A 426 8.90 4.63 -10.94
N ALA A 427 7.80 3.89 -10.95
CA ALA A 427 7.66 2.68 -11.78
C ALA A 427 7.66 3.03 -13.27
N PHE A 428 6.98 4.13 -13.63
CA PHE A 428 6.91 4.63 -15.01
C PHE A 428 8.30 5.00 -15.51
N ASN A 429 9.04 5.79 -14.70
CA ASN A 429 10.42 6.24 -14.97
C ASN A 429 11.33 5.06 -15.27
N HIS A 430 11.28 4.04 -14.41
CA HIS A 430 12.07 2.82 -14.58
C HIS A 430 11.73 2.07 -15.87
N TRP A 431 10.45 2.09 -16.26
CA TRP A 431 9.99 1.45 -17.49
C TRP A 431 10.52 2.23 -18.71
N VAL A 432 10.41 3.58 -18.69
CA VAL A 432 10.93 4.45 -19.78
C VAL A 432 12.47 4.69 -19.74
N LYS A 433 13.18 4.21 -18.70
CA LYS A 433 14.62 4.37 -18.60
C LYS A 433 15.28 3.73 -19.83
N GLY A 434 16.16 4.48 -20.50
CA GLY A 434 16.86 4.04 -21.70
C GLY A 434 16.34 4.69 -22.98
N THR A 435 15.03 5.01 -23.01
CA THR A 435 14.39 5.62 -24.18
C THR A 435 14.51 7.14 -24.14
N ASP A 436 14.05 7.80 -25.22
CA ASP A 436 14.05 9.26 -25.35
C ASP A 436 13.05 9.93 -24.38
N LEU A 437 12.07 9.14 -23.86
CA LEU A 437 11.06 9.63 -22.93
C LEU A 437 11.63 9.88 -21.51
N GLU A 438 12.94 9.59 -21.25
CA GLU A 438 13.59 9.83 -19.96
C GLU A 438 13.43 11.29 -19.46
N SER A 439 13.48 12.28 -20.40
CA SER A 439 13.29 13.70 -20.11
C SER A 439 11.80 14.02 -20.13
N TRP A 440 11.33 14.88 -19.20
CA TRP A 440 9.92 15.26 -19.14
C TRP A 440 9.47 16.09 -20.36
N ARG A 441 10.40 16.75 -21.08
CA ARG A 441 10.07 17.51 -22.30
C ARG A 441 9.69 16.59 -23.48
N ASN A 442 10.21 15.34 -23.52
CA ASN A 442 9.89 14.36 -24.56
C ASN A 442 8.56 13.66 -24.25
N ARG A 443 8.02 13.79 -23.01
CA ARG A 443 6.77 13.16 -22.59
C ARG A 443 5.55 14.06 -22.79
N HIS A 444 4.58 13.57 -23.57
CA HIS A 444 3.29 14.20 -23.87
C HIS A 444 2.20 13.32 -23.26
N VAL A 445 1.32 13.91 -22.45
CA VAL A 445 0.23 13.24 -21.71
C VAL A 445 -0.60 12.24 -22.54
N ASP A 446 -0.87 12.55 -23.81
CA ASP A 446 -1.63 11.68 -24.71
C ASP A 446 -0.79 10.50 -25.20
N ASP A 447 0.49 10.76 -25.54
CA ASP A 447 1.39 9.72 -26.05
C ASP A 447 1.82 8.74 -24.97
N ILE A 448 2.02 9.22 -23.71
CA ILE A 448 2.34 8.34 -22.59
C ILE A 448 1.13 7.42 -22.30
N GLY A 449 -0.10 7.97 -22.36
CA GLY A 449 -1.32 7.20 -22.19
C GLY A 449 -1.52 6.22 -23.34
N GLU A 450 -1.32 6.69 -24.58
CA GLU A 450 -1.42 5.86 -25.79
C GLU A 450 -0.43 4.69 -25.71
N LYS A 451 0.83 4.96 -25.32
CA LYS A 451 1.87 3.91 -25.19
C LYS A 451 1.51 2.93 -24.10
N LEU A 452 1.13 3.47 -22.94
CA LEU A 452 0.77 2.67 -21.77
C LEU A 452 -0.31 1.69 -22.15
N MET A 453 -1.38 2.19 -22.77
CA MET A 453 -2.50 1.39 -23.22
C MET A 453 -2.06 0.41 -24.33
N ASN A 454 -1.21 0.86 -25.28
CA ASN A 454 -0.72 -0.02 -26.35
C ASN A 454 0.06 -1.21 -25.79
N GLU A 455 0.95 -0.95 -24.83
CA GLU A 455 1.79 -2.00 -24.24
C GLU A 455 1.02 -2.88 -23.27
N THR A 456 0.02 -2.32 -22.56
CA THR A 456 -0.84 -3.11 -21.66
C THR A 456 -1.58 -4.17 -22.48
N GLU A 457 -2.16 -3.75 -23.63
CA GLU A 457 -2.84 -4.63 -24.58
C GLU A 457 -1.87 -5.74 -24.99
N SER A 458 -0.68 -5.34 -25.44
CA SER A 458 0.37 -6.25 -25.92
C SER A 458 0.76 -7.25 -24.84
N LEU A 459 0.93 -6.77 -23.59
CA LEU A 459 1.32 -7.59 -22.43
C LEU A 459 0.32 -8.67 -22.12
N LEU A 460 -0.97 -8.31 -22.08
CA LEU A 460 -2.03 -9.26 -21.75
C LEU A 460 -2.15 -10.35 -22.83
N ARG A 461 -2.13 -9.93 -24.11
CA ARG A 461 -2.26 -10.83 -25.28
C ARG A 461 -1.09 -11.81 -25.36
N ARG A 462 0.16 -11.30 -25.20
CA ARG A 462 1.37 -12.13 -25.31
C ARG A 462 1.59 -13.05 -24.10
N ARG A 463 1.20 -12.62 -22.89
CA ARG A 463 1.36 -13.46 -21.70
C ARG A 463 0.43 -14.69 -21.70
N LEU A 464 -0.66 -14.65 -22.49
CA LEU A 464 -1.56 -15.79 -22.68
C LEU A 464 -0.73 -16.97 -23.23
N ASP A 465 0.12 -16.69 -24.23
CA ASP A 465 0.98 -17.68 -24.87
C ASP A 465 2.23 -17.99 -24.03
N THR A 466 2.78 -16.99 -23.31
CA THR A 466 3.98 -17.17 -22.49
C THR A 466 3.76 -18.13 -21.33
N LEU A 467 2.86 -17.80 -20.38
CA LEU A 467 2.64 -18.65 -19.20
C LEU A 467 1.98 -20.00 -19.51
N PHE A 468 1.28 -20.12 -20.66
CA PHE A 468 0.67 -21.39 -21.06
C PHE A 468 1.13 -21.78 -22.46
N PRO B 26 -4.46 -31.69 -10.40
CA PRO B 26 -3.02 -31.97 -10.37
C PRO B 26 -2.17 -31.13 -11.35
N VAL B 27 -2.81 -30.49 -12.37
CA VAL B 27 -2.16 -29.67 -13.41
C VAL B 27 -1.04 -28.73 -12.88
N SER B 28 -1.36 -27.82 -11.95
CA SER B 28 -0.40 -26.88 -11.34
C SER B 28 0.66 -26.24 -12.28
N ARG B 29 0.21 -25.61 -13.38
CA ARG B 29 1.10 -24.95 -14.36
C ARG B 29 1.49 -23.49 -13.98
N LEU B 30 1.15 -23.02 -12.77
CA LEU B 30 1.51 -21.65 -12.38
C LEU B 30 2.94 -21.56 -11.87
N GLY B 31 3.58 -20.44 -12.19
CA GLY B 31 4.95 -20.17 -11.78
C GLY B 31 6.00 -20.84 -12.63
N ASP B 32 7.24 -20.82 -12.12
CA ASP B 32 8.42 -21.38 -12.78
C ASP B 32 8.58 -22.87 -12.48
N GLN B 33 8.78 -23.67 -13.56
CA GLN B 33 8.95 -25.12 -13.46
C GLN B 33 10.27 -25.46 -12.79
N SER B 34 11.33 -24.69 -13.06
CA SER B 34 12.64 -24.95 -12.47
C SER B 34 12.63 -24.76 -10.96
N PHE B 35 11.87 -23.77 -10.44
CA PHE B 35 11.74 -23.49 -9.00
C PHE B 35 11.15 -24.67 -8.26
N LYS B 36 10.06 -25.25 -8.80
CA LYS B 36 9.37 -26.39 -8.20
C LYS B 36 10.30 -27.61 -8.11
N GLU B 37 11.14 -27.86 -9.13
CA GLU B 37 12.06 -29.00 -9.14
C GLU B 37 13.15 -28.86 -8.08
N ASP B 38 13.79 -27.69 -8.00
CA ASP B 38 14.86 -27.44 -7.05
C ASP B 38 14.45 -27.46 -5.58
N TYR B 39 13.18 -27.17 -5.28
CA TYR B 39 12.65 -27.18 -3.90
C TYR B 39 11.71 -28.38 -3.64
N GLY B 40 11.42 -29.19 -4.66
CA GLY B 40 10.58 -30.39 -4.54
C GLY B 40 9.12 -30.10 -4.30
N LEU B 41 8.55 -29.17 -5.10
CA LEU B 41 7.16 -28.73 -4.99
C LEU B 41 6.31 -29.20 -6.16
N THR B 42 5.01 -29.33 -5.92
CA THR B 42 4.00 -29.61 -6.93
C THR B 42 3.31 -28.28 -7.32
N TYR B 43 3.27 -27.27 -6.39
CA TYR B 43 2.74 -25.93 -6.61
C TYR B 43 3.81 -24.88 -6.25
N ALA B 44 3.97 -23.84 -7.09
CA ALA B 44 4.93 -22.75 -6.82
C ALA B 44 4.25 -21.79 -5.82
N TYR B 45 4.11 -22.29 -4.58
CA TYR B 45 3.37 -21.66 -3.49
C TYR B 45 4.09 -21.87 -2.19
N LEU B 46 4.52 -20.77 -1.57
CA LEU B 46 5.19 -20.78 -0.29
C LEU B 46 4.29 -20.16 0.76
N ALA B 47 4.48 -20.58 2.00
CA ALA B 47 3.76 -20.02 3.13
C ALA B 47 4.82 -19.44 4.02
N GLY B 48 4.82 -18.13 4.11
CA GLY B 48 5.78 -17.42 4.93
C GLY B 48 5.70 -17.66 6.42
N ALA B 49 6.75 -17.31 7.11
CA ALA B 49 6.90 -17.54 8.54
C ALA B 49 5.99 -16.66 9.35
N MET B 50 5.62 -17.16 10.51
CA MET B 50 4.91 -16.40 11.51
C MET B 50 5.61 -16.66 12.82
N HIS B 51 5.89 -15.59 13.54
CA HIS B 51 6.81 -15.62 14.66
C HIS B 51 6.30 -16.38 15.85
N ARG B 52 7.22 -16.81 16.71
CA ARG B 52 6.86 -17.52 17.91
C ARG B 52 6.07 -18.78 17.58
N GLY B 53 6.52 -19.47 16.55
CA GLY B 53 5.96 -20.74 16.12
C GLY B 53 4.52 -20.71 15.67
N ILE B 54 3.98 -19.54 15.27
CA ILE B 54 2.61 -19.49 14.77
C ILE B 54 2.54 -20.30 13.46
N SER B 55 3.60 -20.28 12.67
CA SER B 55 3.75 -21.10 11.48
C SER B 55 4.37 -22.39 12.05
N SER B 56 3.49 -23.20 12.61
CA SER B 56 3.80 -24.41 13.37
C SER B 56 4.46 -25.53 12.58
N ALA B 57 4.97 -26.53 13.32
CA ALA B 57 5.55 -27.76 12.76
C ALA B 57 4.46 -28.53 12.02
N GLU B 58 3.24 -28.56 12.60
CA GLU B 58 2.08 -29.18 11.97
C GLU B 58 1.74 -28.52 10.65
N MET B 59 1.92 -27.18 10.56
CA MET B 59 1.62 -26.40 9.37
C MET B 59 2.50 -26.82 8.24
N LEU B 60 3.83 -26.92 8.51
CA LEU B 60 4.79 -27.35 7.50
C LEU B 60 4.53 -28.79 7.10
N ILE B 61 4.34 -29.67 8.09
CA ILE B 61 4.08 -31.09 7.84
C ILE B 61 2.96 -31.26 6.82
N ARG B 62 1.85 -30.55 7.01
CA ARG B 62 0.69 -30.61 6.10
C ARG B 62 1.02 -30.02 4.71
N LEU B 63 1.80 -28.91 4.66
CA LEU B 63 2.24 -28.31 3.39
C LEU B 63 3.21 -29.22 2.64
N GLY B 64 4.13 -29.85 3.38
CA GLY B 64 5.11 -30.78 2.83
C GLY B 64 4.48 -31.98 2.14
N LYS B 65 3.38 -32.50 2.71
CA LYS B 65 2.67 -33.63 2.10
C LYS B 65 1.94 -33.23 0.82
N LYS B 66 1.58 -31.93 0.65
CA LYS B 66 0.91 -31.43 -0.56
C LYS B 66 1.90 -30.84 -1.59
N GLY B 67 3.19 -30.87 -1.31
CA GLY B 67 4.19 -30.34 -2.21
C GLY B 67 4.22 -28.82 -2.19
N MET B 68 4.11 -28.25 -0.98
CA MET B 68 4.12 -26.80 -0.75
C MET B 68 5.17 -26.51 0.31
N LEU B 69 5.75 -25.29 0.28
CA LEU B 69 6.83 -24.95 1.19
C LEU B 69 6.47 -23.94 2.27
N GLY B 70 6.44 -24.42 3.51
CA GLY B 70 6.23 -23.59 4.69
C GLY B 70 7.57 -23.30 5.36
N PHE B 71 7.60 -22.22 6.18
CA PHE B 71 8.78 -21.78 6.93
C PHE B 71 8.42 -21.71 8.40
N PHE B 72 9.14 -22.41 9.27
CA PHE B 72 8.83 -22.43 10.70
C PHE B 72 9.17 -21.10 11.35
N GLY B 73 8.23 -20.57 12.13
CA GLY B 73 8.38 -19.32 12.85
C GLY B 73 9.35 -19.40 14.01
N THR B 74 10.63 -19.18 13.73
CA THR B 74 11.69 -19.22 14.75
C THR B 74 11.79 -17.97 15.59
N ALA B 75 11.41 -16.80 15.03
CA ALA B 75 11.50 -15.51 15.74
C ALA B 75 10.81 -15.52 17.11
N GLY B 76 11.55 -15.09 18.12
CA GLY B 76 11.07 -15.06 19.51
C GLY B 76 11.29 -16.33 20.29
N LEU B 77 11.29 -17.51 19.62
CA LEU B 77 11.43 -18.79 20.30
C LEU B 77 12.85 -19.04 20.79
N PRO B 78 13.01 -19.78 21.92
CA PRO B 78 14.36 -20.17 22.34
C PRO B 78 14.80 -21.38 21.52
N ILE B 79 16.11 -21.61 21.48
CA ILE B 79 16.72 -22.71 20.72
C ILE B 79 16.12 -24.08 21.08
N ARG B 80 15.73 -24.26 22.37
CA ARG B 80 15.06 -25.46 22.87
C ARG B 80 13.84 -25.82 22.01
N GLU B 81 12.92 -24.86 21.84
CA GLU B 81 11.67 -25.05 21.08
C GLU B 81 11.92 -25.19 19.56
N ILE B 82 12.96 -24.53 19.03
CA ILE B 82 13.29 -24.62 17.61
C ILE B 82 13.86 -26.00 17.31
N GLU B 83 14.86 -26.44 18.12
CA GLU B 83 15.47 -27.78 18.02
C GLU B 83 14.43 -28.89 18.12
N GLN B 84 13.47 -28.77 19.04
CA GLN B 84 12.39 -29.75 19.19
C GLN B 84 11.49 -29.80 17.97
N ALA B 85 11.16 -28.63 17.38
CA ALA B 85 10.31 -28.56 16.19
C ALA B 85 10.98 -29.22 14.99
N LEU B 86 12.31 -29.05 14.85
CA LEU B 86 13.08 -29.64 13.75
C LEU B 86 12.98 -31.16 13.74
N ILE B 87 13.35 -31.79 14.86
CA ILE B 87 13.33 -33.25 14.95
C ILE B 87 11.91 -33.79 14.78
N SER B 88 10.91 -33.07 15.29
CA SER B 88 9.50 -33.40 15.11
C SER B 88 9.12 -33.49 13.62
N ILE B 89 9.56 -32.50 12.81
CA ILE B 89 9.27 -32.44 11.38
C ILE B 89 10.06 -33.53 10.62
N LYS B 90 11.34 -33.67 10.94
CA LYS B 90 12.24 -34.61 10.27
C LYS B 90 11.72 -36.07 10.34
N LYS B 91 11.18 -36.49 11.50
CA LYS B 91 10.66 -37.84 11.63
C LYS B 91 9.29 -38.07 10.96
N THR B 92 8.50 -37.01 10.72
CA THR B 92 7.27 -37.16 9.93
C THR B 92 7.63 -37.00 8.45
N LEU B 93 8.36 -35.93 8.10
CA LEU B 93 8.79 -35.66 6.74
C LEU B 93 10.14 -36.32 6.48
N LYS B 94 10.10 -37.65 6.24
CA LYS B 94 11.27 -38.50 6.02
C LYS B 94 11.34 -39.03 4.57
N ASN B 95 10.60 -38.41 3.63
CA ASN B 95 10.57 -38.83 2.22
C ASN B 95 10.82 -37.63 1.27
N GLY B 96 11.78 -36.79 1.65
CA GLY B 96 12.21 -35.62 0.90
C GLY B 96 11.16 -34.54 0.70
N GLN B 97 10.22 -34.42 1.64
CA GLN B 97 9.12 -33.47 1.52
C GLN B 97 9.58 -32.04 1.85
N PRO B 98 9.05 -31.02 1.15
CA PRO B 98 9.54 -29.64 1.35
C PRO B 98 9.15 -28.95 2.65
N TYR B 99 10.17 -28.50 3.39
CA TYR B 99 9.99 -27.72 4.62
C TYR B 99 11.18 -26.79 4.79
N GLY B 100 10.98 -25.67 5.44
CA GLY B 100 12.03 -24.67 5.65
C GLY B 100 11.97 -24.00 6.99
N MET B 101 13.03 -23.22 7.33
CA MET B 101 13.11 -22.50 8.59
C MET B 101 13.35 -21.03 8.36
N ASN B 102 12.67 -20.17 9.14
CA ASN B 102 12.90 -18.73 9.06
C ASN B 102 14.16 -18.37 9.83
N LEU B 103 14.79 -17.28 9.44
CA LEU B 103 15.94 -16.73 10.11
C LEU B 103 15.83 -15.24 9.95
N ARG B 104 15.33 -14.59 11.02
CA ARG B 104 15.13 -13.16 11.06
C ARG B 104 16.42 -12.53 11.55
N PHE B 105 16.85 -11.50 10.86
CA PHE B 105 18.04 -10.74 11.21
C PHE B 105 17.71 -9.86 12.42
N GLU B 106 18.58 -9.89 13.42
CA GLU B 106 18.54 -9.02 14.60
C GLU B 106 20.00 -8.49 14.64
N PRO B 107 20.26 -7.18 14.81
CA PRO B 107 21.64 -6.70 14.63
C PRO B 107 22.72 -7.20 15.59
N ASP B 108 22.52 -7.00 16.89
CA ASP B 108 23.51 -7.41 17.89
C ASP B 108 23.48 -8.91 18.28
N HIS B 109 22.52 -9.70 17.75
CA HIS B 109 22.38 -11.12 18.11
C HIS B 109 22.97 -12.06 17.02
N GLN B 110 24.16 -11.73 16.47
CA GLN B 110 24.81 -12.59 15.45
C GLN B 110 25.38 -13.87 16.10
N ASP B 111 25.38 -13.93 17.45
CA ASP B 111 25.79 -15.12 18.19
C ASP B 111 24.73 -16.21 17.93
N ARG B 112 23.44 -15.86 18.07
CA ARG B 112 22.33 -16.79 17.82
C ARG B 112 22.18 -17.18 16.34
N GLU B 113 22.57 -16.28 15.41
CA GLU B 113 22.50 -16.55 13.97
C GLU B 113 23.40 -17.76 13.65
N LYS B 114 24.69 -17.73 14.11
CA LYS B 114 25.63 -18.86 13.93
C LYS B 114 25.06 -20.12 14.57
N GLU B 115 24.40 -20.00 15.77
CA GLU B 115 23.82 -21.17 16.41
C GLU B 115 22.68 -21.78 15.58
N LEU B 116 21.78 -20.94 15.09
CA LEU B 116 20.66 -21.43 14.29
C LEU B 116 21.13 -22.09 12.99
N ILE B 117 22.09 -21.49 12.28
CA ILE B 117 22.63 -22.11 11.06
C ILE B 117 23.32 -23.44 11.37
N ASP B 118 24.06 -23.54 12.50
CA ASP B 118 24.69 -24.81 12.89
C ASP B 118 23.59 -25.84 13.18
N LEU B 119 22.48 -25.40 13.82
CA LEU B 119 21.33 -26.26 14.12
C LEU B 119 20.62 -26.72 12.84
N TYR B 120 20.50 -25.82 11.86
CA TYR B 120 19.86 -26.11 10.57
C TYR B 120 20.71 -27.10 9.77
N ILE B 121 22.05 -26.99 9.87
CA ILE B 121 22.98 -27.92 9.22
C ILE B 121 22.93 -29.29 9.97
N LYS B 122 22.81 -29.26 11.31
CA LYS B 122 22.71 -30.47 12.11
C LYS B 122 21.44 -31.26 11.74
N HIS B 123 20.28 -30.57 11.63
CA HIS B 123 19.00 -31.23 11.32
C HIS B 123 18.61 -31.31 9.83
N GLU B 124 19.57 -31.08 8.91
CA GLU B 124 19.41 -31.23 7.46
C GLU B 124 18.32 -30.38 6.83
N VAL B 125 18.29 -29.10 7.21
CA VAL B 125 17.34 -28.12 6.66
C VAL B 125 17.99 -27.63 5.36
N ARG B 126 17.37 -27.89 4.20
CA ARG B 126 17.96 -27.52 2.90
C ARG B 126 17.38 -26.25 2.25
N VAL B 127 16.61 -25.43 3.02
CA VAL B 127 16.01 -24.16 2.58
C VAL B 127 15.76 -23.28 3.77
N ILE B 128 16.14 -21.98 3.71
CA ILE B 128 15.77 -21.04 4.76
C ILE B 128 15.20 -19.77 4.16
N GLU B 129 14.39 -19.08 4.98
CA GLU B 129 13.77 -17.80 4.63
C GLU B 129 14.50 -16.75 5.44
N ALA B 130 15.30 -15.93 4.76
CA ALA B 130 16.08 -14.88 5.37
C ALA B 130 15.22 -13.62 5.32
N SER B 131 14.94 -13.01 6.48
CA SER B 131 14.09 -11.83 6.55
C SER B 131 14.74 -10.75 7.39
N SER B 132 14.41 -9.48 7.11
CA SER B 132 14.94 -8.31 7.78
C SER B 132 16.44 -8.09 7.53
N TYR B 133 17.03 -8.76 6.54
CA TYR B 133 18.44 -8.57 6.25
C TYR B 133 18.56 -7.39 5.31
N PHE B 134 19.62 -6.62 5.47
CA PHE B 134 19.96 -5.50 4.58
C PHE B 134 21.18 -5.90 3.72
N SER B 135 21.93 -6.92 4.15
CA SER B 135 23.13 -7.41 3.49
C SER B 135 23.36 -8.89 3.87
N VAL B 136 24.07 -9.63 2.99
CA VAL B 136 24.35 -11.04 3.26
C VAL B 136 25.44 -11.11 4.32
N SER B 137 25.26 -12.03 5.29
CA SER B 137 26.15 -12.19 6.44
C SER B 137 26.94 -13.50 6.40
N ALA B 138 28.00 -13.57 7.23
CA ALA B 138 28.85 -14.75 7.30
C ALA B 138 28.06 -16.03 7.63
N PRO B 139 27.12 -16.01 8.57
CA PRO B 139 26.32 -17.24 8.81
C PRO B 139 25.48 -17.69 7.60
N LEU B 140 24.95 -16.76 6.80
CA LEU B 140 24.21 -17.10 5.58
C LEU B 140 25.16 -17.66 4.51
N ILE B 141 26.38 -17.12 4.42
CA ILE B 141 27.37 -17.63 3.47
C ILE B 141 27.80 -19.03 3.91
N TYR B 142 28.00 -19.24 5.22
CA TYR B 142 28.38 -20.55 5.78
C TYR B 142 27.31 -21.60 5.51
N TYR B 143 26.05 -21.21 5.57
CA TYR B 143 24.91 -22.11 5.31
C TYR B 143 24.91 -22.60 3.85
N LYS B 144 25.04 -21.70 2.86
CA LYS B 144 25.07 -22.09 1.45
C LYS B 144 26.29 -22.95 1.12
N ALA B 145 27.42 -22.67 1.79
CA ALA B 145 28.69 -23.36 1.59
C ALA B 145 28.66 -24.83 2.00
N HIS B 146 27.85 -25.19 3.03
CA HIS B 146 27.74 -26.57 3.49
C HIS B 146 27.29 -27.50 2.36
N GLN B 147 28.10 -28.55 2.10
CA GLN B 147 27.90 -29.56 1.05
C GLN B 147 27.83 -28.93 -0.37
N LEU B 148 28.44 -27.74 -0.55
CA LEU B 148 28.48 -27.06 -1.85
C LEU B 148 29.46 -27.83 -2.75
N LYS B 149 29.11 -27.96 -4.04
CA LYS B 149 29.93 -28.71 -4.98
C LYS B 149 29.74 -28.28 -6.42
N ILE B 150 30.70 -28.67 -7.27
CA ILE B 150 30.72 -28.36 -8.71
C ILE B 150 30.53 -29.67 -9.48
N ASP B 151 29.67 -29.66 -10.52
CA ASP B 151 29.38 -30.86 -11.31
C ASP B 151 30.47 -31.11 -12.36
N LYS B 152 30.33 -32.20 -13.14
CA LYS B 152 31.29 -32.55 -14.20
C LYS B 152 31.35 -31.43 -15.25
N SER B 153 30.20 -30.80 -15.54
CA SER B 153 30.11 -29.69 -16.50
C SER B 153 30.71 -28.35 -16.04
N GLY B 154 31.18 -28.25 -14.80
CA GLY B 154 31.76 -27.00 -14.30
C GLY B 154 30.74 -25.96 -13.90
N ARG B 155 29.61 -26.38 -13.31
CA ARG B 155 28.54 -25.50 -12.83
C ARG B 155 28.36 -25.73 -11.35
N VAL B 156 28.29 -24.67 -10.55
CA VAL B 156 28.19 -24.78 -9.09
C VAL B 156 26.78 -25.23 -8.69
N ILE B 157 26.68 -26.37 -7.97
CA ILE B 157 25.41 -26.95 -7.54
C ILE B 157 25.22 -26.72 -6.02
N PRO B 158 24.27 -25.87 -5.60
CA PRO B 158 24.05 -25.67 -4.17
C PRO B 158 23.29 -26.81 -3.50
N HIS B 159 23.67 -27.15 -2.26
CA HIS B 159 23.00 -28.17 -1.46
C HIS B 159 21.93 -27.48 -0.61
N ASN B 160 22.36 -26.53 0.21
CA ASN B 160 21.52 -25.71 1.08
C ASN B 160 21.16 -24.42 0.30
N ARG B 161 19.85 -24.00 0.34
CA ARG B 161 19.37 -22.84 -0.42
C ARG B 161 18.79 -21.74 0.48
N ILE B 162 18.85 -20.46 0.02
CA ILE B 162 18.29 -19.32 0.72
C ILE B 162 17.31 -18.61 -0.18
N ILE B 163 16.19 -18.15 0.41
CA ILE B 163 15.20 -17.34 -0.28
C ILE B 163 15.14 -16.09 0.59
N ALA B 164 15.74 -14.98 0.10
CA ALA B 164 15.78 -13.75 0.86
C ALA B 164 14.50 -12.96 0.62
N LYS B 165 13.80 -12.59 1.72
CA LYS B 165 12.58 -11.80 1.69
C LYS B 165 12.98 -10.33 1.85
N VAL B 166 12.86 -9.58 0.76
CA VAL B 166 13.31 -8.20 0.61
C VAL B 166 12.17 -7.27 0.22
N SER B 167 12.28 -6.00 0.62
CA SER B 167 11.30 -4.96 0.33
C SER B 167 11.93 -3.73 -0.34
N ARG B 168 13.27 -3.71 -0.54
CA ARG B 168 14.01 -2.56 -1.07
C ARG B 168 15.00 -2.91 -2.20
N PRO B 169 15.16 -2.01 -3.17
CA PRO B 169 16.06 -2.28 -4.31
C PRO B 169 17.49 -2.63 -3.95
N GLU B 170 18.09 -1.86 -3.07
CA GLU B 170 19.48 -2.06 -2.65
C GLU B 170 19.71 -3.41 -1.97
N VAL B 171 18.70 -3.90 -1.22
CA VAL B 171 18.78 -5.19 -0.50
C VAL B 171 18.60 -6.28 -1.54
N ALA B 172 17.57 -6.15 -2.37
CA ALA B 172 17.35 -7.10 -3.47
C ALA B 172 18.63 -7.20 -4.31
N ALA B 173 19.23 -6.04 -4.65
CA ALA B 173 20.46 -5.97 -5.45
C ALA B 173 21.59 -6.74 -4.78
N ALA B 174 21.75 -6.58 -3.47
CA ALA B 174 22.78 -7.27 -2.70
C ALA B 174 22.63 -8.77 -2.81
N PHE B 175 21.43 -9.27 -2.55
CA PHE B 175 21.17 -10.71 -2.59
C PHE B 175 21.20 -11.32 -3.99
N LEU B 176 20.97 -10.50 -5.04
CA LEU B 176 21.05 -10.96 -6.43
C LEU B 176 22.50 -11.01 -6.88
N SER B 177 23.31 -10.08 -6.37
CA SER B 177 24.75 -9.97 -6.63
C SER B 177 25.48 -11.08 -5.85
N PRO B 178 26.71 -11.50 -6.22
CA PRO B 178 27.40 -12.54 -5.42
C PRO B 178 27.82 -12.07 -4.04
N PRO B 179 28.16 -12.99 -3.12
CA PRO B 179 28.51 -12.56 -1.75
C PRO B 179 29.74 -11.64 -1.69
N PRO B 180 29.75 -10.61 -0.81
CA PRO B 180 30.91 -9.71 -0.74
C PRO B 180 32.19 -10.46 -0.48
N GLN B 181 33.24 -10.16 -1.24
CA GLN B 181 34.53 -10.78 -1.04
C GLN B 181 35.11 -10.40 0.32
N SER B 182 34.79 -9.19 0.79
CA SER B 182 35.17 -8.70 2.13
C SER B 182 34.85 -9.73 3.24
N ILE B 183 33.70 -10.39 3.11
CA ILE B 183 33.22 -11.37 4.09
C ILE B 183 33.72 -12.77 3.76
N VAL B 184 33.75 -13.13 2.48
CA VAL B 184 34.21 -14.46 2.05
C VAL B 184 35.70 -14.64 2.35
N LYS B 185 36.52 -13.60 2.15
CA LYS B 185 37.95 -13.65 2.44
C LYS B 185 38.18 -13.72 3.95
N ARG B 186 37.43 -12.90 4.73
CA ARG B 186 37.49 -12.91 6.21
C ARG B 186 37.24 -14.32 6.72
N MET B 187 36.19 -14.97 6.15
CA MET B 187 35.77 -16.32 6.54
C MET B 187 36.80 -17.39 6.28
N CYS B 188 37.62 -17.25 5.22
CA CYS B 188 38.70 -18.21 4.93
C CYS B 188 39.80 -18.09 5.96
N GLN B 189 40.17 -16.84 6.35
CA GLN B 189 41.18 -16.60 7.40
C GLN B 189 40.82 -17.23 8.75
N HIS B 190 39.53 -17.50 8.96
CA HIS B 190 39.02 -18.10 10.17
C HIS B 190 38.63 -19.57 10.00
N GLY B 191 38.95 -20.17 8.86
CA GLY B 191 38.67 -21.57 8.58
C GLY B 191 37.21 -21.95 8.39
N MET B 192 36.29 -20.93 8.29
CA MET B 192 34.86 -21.16 8.08
C MET B 192 34.57 -21.57 6.65
N LEU B 193 35.43 -21.17 5.68
CA LEU B 193 35.33 -21.57 4.27
C LEU B 193 36.69 -22.05 3.76
N THR B 194 36.63 -22.81 2.69
CA THR B 194 37.80 -23.36 2.01
C THR B 194 37.91 -22.63 0.69
N GLU B 195 39.11 -22.43 0.20
CA GLU B 195 39.31 -21.72 -1.08
C GLU B 195 38.48 -22.29 -2.25
N GLU B 196 38.21 -23.60 -2.25
CA GLU B 196 37.40 -24.26 -3.29
C GLU B 196 35.97 -23.78 -3.19
N GLN B 197 35.49 -23.60 -1.95
CA GLN B 197 34.14 -23.13 -1.64
C GLN B 197 33.99 -21.62 -1.89
N ALA B 198 34.98 -20.83 -1.46
CA ALA B 198 34.96 -19.37 -1.65
C ALA B 198 34.94 -18.97 -3.13
N GLU B 199 35.55 -19.79 -4.02
CA GLU B 199 35.55 -19.49 -5.45
C GLU B 199 34.16 -19.86 -6.00
N TRP B 200 33.61 -21.00 -5.56
CA TRP B 200 32.28 -21.44 -5.99
C TRP B 200 31.20 -20.45 -5.54
N LEU B 201 31.34 -19.90 -4.32
CA LEU B 201 30.37 -18.92 -3.79
C LEU B 201 30.36 -17.62 -4.61
N SER B 202 31.53 -17.16 -5.10
CA SER B 202 31.59 -15.95 -5.94
C SER B 202 30.90 -16.14 -7.30
N ARG B 203 30.72 -17.39 -7.76
CA ARG B 203 30.07 -17.70 -9.05
C ARG B 203 28.56 -17.91 -8.93
N ILE B 204 27.97 -17.68 -7.73
CA ILE B 204 26.53 -17.83 -7.49
C ILE B 204 26.00 -16.65 -6.67
N PRO B 205 24.71 -16.30 -6.77
CA PRO B 205 24.19 -15.18 -6.00
C PRO B 205 24.20 -15.42 -4.50
N ALA B 206 24.26 -14.33 -3.71
CA ALA B 206 24.27 -14.36 -2.25
C ALA B 206 23.08 -15.17 -1.66
N ALA B 207 21.89 -15.07 -2.29
CA ALA B 207 20.71 -15.90 -1.96
C ALA B 207 20.32 -16.62 -3.24
N ASP B 208 19.81 -17.85 -3.12
CA ASP B 208 19.40 -18.62 -4.30
C ASP B 208 18.23 -17.97 -5.01
N ASP B 209 17.25 -17.44 -4.21
CA ASP B 209 16.06 -16.76 -4.72
C ASP B 209 15.64 -15.61 -3.86
N ILE B 210 14.75 -14.77 -4.40
CA ILE B 210 14.23 -13.57 -3.76
C ILE B 210 12.71 -13.64 -3.67
N ILE B 211 12.14 -12.95 -2.65
CA ILE B 211 10.72 -12.74 -2.44
C ILE B 211 10.57 -11.24 -2.32
N ILE B 212 9.56 -10.66 -2.98
CA ILE B 212 9.29 -9.25 -2.86
C ILE B 212 8.09 -9.16 -1.96
N GLU B 213 8.29 -8.54 -0.78
CA GLU B 213 7.28 -8.32 0.23
C GLU B 213 6.75 -6.88 0.13
N ALA B 214 5.41 -6.69 0.05
CA ALA B 214 4.72 -5.39 -0.11
C ALA B 214 3.87 -4.91 1.13
N ASP B 215 2.80 -5.60 1.46
CA ASP B 215 1.98 -5.18 2.59
C ASP B 215 1.81 -6.31 3.58
N CYS B 216 2.93 -6.68 4.19
CA CYS B 216 2.99 -7.81 5.10
C CYS B 216 2.27 -7.50 6.39
N GLY B 217 1.94 -8.54 7.16
CA GLY B 217 1.44 -8.34 8.49
C GLY B 217 2.59 -8.20 9.46
N GLU B 221 6.82 -2.88 6.40
CA GLU B 221 6.81 -1.75 5.48
C GLU B 221 5.40 -1.66 4.87
N GLN B 222 5.17 -0.65 3.97
CA GLN B 222 3.85 -0.39 3.40
C GLN B 222 3.76 0.09 1.90
N SER B 223 4.63 -0.44 1.01
CA SER B 223 4.58 -0.07 -0.43
C SER B 223 3.78 -1.11 -1.21
N SER B 224 3.19 -0.71 -2.35
CA SER B 224 2.38 -1.61 -3.16
C SER B 224 3.18 -2.48 -4.11
N LEU B 225 2.79 -3.73 -4.15
CA LEU B 225 3.32 -4.78 -5.01
C LEU B 225 3.14 -4.45 -6.50
N THR B 226 2.09 -3.69 -6.86
CA THR B 226 1.85 -3.31 -8.25
C THR B 226 2.95 -2.42 -8.83
N ALA B 227 3.47 -1.48 -8.01
CA ALA B 227 4.54 -0.56 -8.42
C ALA B 227 5.94 -1.15 -8.26
N MET B 228 6.09 -2.07 -7.31
CA MET B 228 7.35 -2.71 -6.97
C MET B 228 7.71 -3.90 -7.84
N LEU B 229 6.81 -4.89 -7.90
CA LEU B 229 7.03 -6.17 -8.60
C LEU B 229 7.60 -6.05 -10.03
N PRO B 230 7.10 -5.15 -10.90
CA PRO B 230 7.69 -5.05 -12.24
C PRO B 230 9.17 -4.63 -12.22
N PHE B 231 9.56 -3.79 -11.22
CA PHE B 231 10.93 -3.30 -11.05
C PHE B 231 11.90 -4.42 -10.70
N PHE B 232 11.55 -5.21 -9.67
CA PHE B 232 12.41 -6.28 -9.16
C PHE B 232 12.53 -7.37 -10.16
N VAL B 233 11.49 -7.59 -10.95
CA VAL B 233 11.52 -8.59 -12.02
C VAL B 233 12.55 -8.17 -13.07
N LYS B 234 12.60 -6.86 -13.42
CA LYS B 234 13.56 -6.32 -14.37
C LYS B 234 14.96 -6.33 -13.74
N LEU B 235 15.07 -5.95 -12.46
CA LEU B 235 16.34 -5.97 -11.75
C LEU B 235 16.94 -7.39 -11.78
N ARG B 236 16.11 -8.44 -11.64
CA ARG B 236 16.57 -9.84 -11.73
C ARG B 236 17.14 -10.09 -13.11
N ASP B 237 16.42 -9.66 -14.15
CA ASP B 237 16.85 -9.84 -15.54
C ASP B 237 18.18 -9.09 -15.80
N GLU B 238 18.31 -7.86 -15.25
CA GLU B 238 19.53 -7.06 -15.35
C GLU B 238 20.70 -7.80 -14.71
N MET B 239 20.49 -8.29 -13.49
CA MET B 239 21.49 -9.06 -12.74
C MET B 239 21.85 -10.37 -13.43
N MET B 240 20.91 -10.95 -14.19
CA MET B 240 21.15 -12.20 -14.92
C MET B 240 22.12 -11.98 -16.09
N GLU B 241 21.87 -10.94 -16.90
CA GLU B 241 22.76 -10.64 -18.03
C GLU B 241 24.12 -10.07 -17.55
N THR B 242 24.14 -9.42 -16.37
CA THR B 242 25.36 -8.85 -15.79
C THR B 242 26.27 -9.94 -15.25
N HIS B 243 25.82 -10.65 -14.20
CA HIS B 243 26.63 -11.69 -13.57
C HIS B 243 26.72 -13.01 -14.36
N LYS B 244 25.71 -13.30 -15.22
CA LYS B 244 25.68 -14.51 -16.07
C LYS B 244 25.88 -15.79 -15.31
N TYR B 245 24.96 -16.05 -14.37
CA TYR B 245 25.01 -17.27 -13.57
C TYR B 245 24.52 -18.43 -14.45
N ALA B 246 24.70 -19.68 -13.97
CA ALA B 246 24.25 -20.86 -14.70
C ALA B 246 22.72 -20.92 -14.77
N ARG B 247 22.05 -21.13 -13.63
CA ARG B 247 20.58 -21.20 -13.57
C ARG B 247 19.98 -19.81 -13.31
N LYS B 248 18.67 -19.70 -13.53
CA LYS B 248 17.92 -18.46 -13.34
C LYS B 248 17.61 -18.26 -11.85
N ILE B 249 17.50 -17.00 -11.42
CA ILE B 249 17.10 -16.63 -10.08
C ILE B 249 15.63 -16.36 -10.23
N ARG B 250 14.82 -16.90 -9.33
CA ARG B 250 13.38 -16.77 -9.40
C ARG B 250 12.93 -15.67 -8.41
N ILE B 251 11.92 -14.87 -8.80
CA ILE B 251 11.38 -13.76 -8.01
C ILE B 251 10.01 -14.14 -7.51
N GLY B 252 9.85 -14.09 -6.20
CA GLY B 252 8.60 -14.42 -5.53
C GLY B 252 7.83 -13.16 -5.25
N ALA B 253 6.55 -13.31 -4.90
CA ALA B 253 5.68 -12.17 -4.61
C ALA B 253 4.92 -12.43 -3.33
N ALA B 254 4.98 -11.47 -2.39
CA ALA B 254 4.34 -11.56 -1.08
C ALA B 254 3.76 -10.21 -0.69
N GLY B 255 2.72 -10.22 0.12
CA GLY B 255 2.05 -9.01 0.59
C GLY B 255 0.85 -8.67 -0.26
N GLY B 256 -0.32 -9.05 0.21
CA GLY B 256 -1.59 -8.78 -0.46
C GLY B 256 -2.23 -9.93 -1.19
N ILE B 257 -1.62 -11.13 -1.11
CA ILE B 257 -2.09 -12.33 -1.79
C ILE B 257 -3.03 -13.15 -0.90
N GLY B 258 -4.33 -12.91 -1.10
CA GLY B 258 -5.37 -13.61 -0.36
C GLY B 258 -6.50 -14.14 -1.23
N THR B 259 -6.46 -13.94 -2.56
CA THR B 259 -7.53 -14.35 -3.46
C THR B 259 -6.97 -14.83 -4.82
N PRO B 260 -7.77 -15.57 -5.61
CA PRO B 260 -7.31 -15.96 -6.95
C PRO B 260 -6.89 -14.78 -7.84
N GLU B 261 -7.61 -13.64 -7.70
CA GLU B 261 -7.37 -12.41 -8.47
C GLU B 261 -6.03 -11.78 -8.06
N SER B 262 -5.71 -11.82 -6.75
CA SER B 262 -4.47 -11.25 -6.22
C SER B 262 -3.26 -12.01 -6.70
N ALA B 263 -3.33 -13.33 -6.63
CA ALA B 263 -2.27 -14.20 -7.08
C ALA B 263 -2.14 -14.09 -8.60
N ALA B 264 -3.27 -14.13 -9.33
CA ALA B 264 -3.27 -14.02 -10.80
C ALA B 264 -2.57 -12.75 -11.24
N SER B 265 -2.81 -11.67 -10.51
CA SER B 265 -2.18 -10.37 -10.74
C SER B 265 -0.66 -10.49 -10.54
N ALA B 266 -0.19 -11.12 -9.45
CA ALA B 266 1.24 -11.31 -9.17
C ALA B 266 1.91 -12.14 -10.26
N PHE B 267 1.29 -13.25 -10.61
CA PHE B 267 1.78 -14.14 -11.66
C PHE B 267 1.81 -13.43 -13.02
N LEU B 268 0.81 -12.59 -13.31
CA LEU B 268 0.77 -11.82 -14.55
C LEU B 268 1.90 -10.78 -14.60
N MET B 269 2.29 -10.20 -13.46
CA MET B 269 3.39 -9.22 -13.43
C MET B 269 4.79 -9.85 -13.59
N GLY B 270 4.89 -11.18 -13.47
CA GLY B 270 6.13 -11.91 -13.64
C GLY B 270 6.63 -12.69 -12.43
N ALA B 271 5.78 -12.90 -11.41
CA ALA B 271 6.20 -13.65 -10.22
C ALA B 271 6.42 -15.09 -10.61
N ASP B 272 7.53 -15.67 -10.19
CA ASP B 272 7.89 -17.07 -10.48
C ASP B 272 7.23 -17.99 -9.44
N PHE B 273 6.77 -17.40 -8.32
CA PHE B 273 6.05 -18.09 -7.27
C PHE B 273 5.36 -17.05 -6.43
N ILE B 274 4.38 -17.48 -5.61
CA ILE B 274 3.66 -16.58 -4.74
C ILE B 274 3.88 -16.98 -3.31
N MET B 275 3.56 -16.07 -2.38
CA MET B 275 3.69 -16.36 -0.97
C MET B 275 2.61 -15.69 -0.19
N THR B 276 2.11 -16.38 0.84
CA THR B 276 1.00 -15.91 1.64
C THR B 276 1.34 -15.98 3.10
N GLY B 277 0.82 -15.04 3.88
CA GLY B 277 1.01 -15.08 5.31
C GLY B 277 -0.26 -14.92 6.12
N SER B 278 -1.02 -13.89 5.79
CA SER B 278 -2.13 -13.44 6.61
C SER B 278 -3.22 -14.48 6.73
N ILE B 279 -3.45 -15.16 5.63
CA ILE B 279 -4.49 -16.18 5.52
C ILE B 279 -4.16 -17.30 6.49
N ASN B 280 -3.00 -17.91 6.25
CA ASN B 280 -2.48 -19.06 6.97
C ASN B 280 -2.58 -18.95 8.51
N GLN B 281 -2.67 -17.72 9.09
CA GLN B 281 -2.87 -17.57 10.53
C GLN B 281 -4.29 -18.04 10.93
N CYS B 282 -5.27 -17.99 9.99
CA CYS B 282 -6.67 -18.39 10.21
C CYS B 282 -6.91 -19.81 9.68
N THR B 283 -6.21 -20.80 10.26
CA THR B 283 -6.33 -22.21 9.87
C THR B 283 -6.28 -23.14 11.07
N VAL B 284 -6.62 -24.41 10.88
CA VAL B 284 -6.51 -25.38 11.98
C VAL B 284 -5.03 -25.61 12.37
N GLU B 285 -4.14 -25.55 11.38
CA GLU B 285 -2.72 -25.83 11.55
C GLU B 285 -1.92 -24.80 12.34
N ALA B 286 -2.24 -23.52 12.18
CA ALA B 286 -1.50 -22.43 12.83
C ALA B 286 -1.59 -22.47 14.36
N GLU B 287 -0.46 -22.22 15.05
CA GLU B 287 -0.39 -22.22 16.51
C GLU B 287 -0.66 -20.84 17.11
N THR B 288 -1.95 -20.48 17.20
CA THR B 288 -2.45 -19.25 17.83
C THR B 288 -3.78 -19.56 18.51
N SER B 289 -4.20 -18.71 19.48
CA SER B 289 -5.43 -18.97 20.24
C SER B 289 -6.69 -19.05 19.37
N GLY B 290 -7.61 -19.94 19.72
CA GLY B 290 -8.85 -20.15 18.99
C GLY B 290 -9.72 -18.92 18.84
N PHE B 291 -9.76 -18.03 19.86
CA PHE B 291 -10.55 -16.81 19.73
C PHE B 291 -9.94 -15.93 18.67
N VAL B 292 -8.60 -15.82 18.64
CA VAL B 292 -7.93 -15.03 17.62
C VAL B 292 -8.31 -15.62 16.25
N LYS B 293 -8.17 -16.94 16.05
CA LYS B 293 -8.55 -17.59 14.78
C LYS B 293 -10.03 -17.26 14.39
N GLU B 294 -10.91 -17.10 15.39
CA GLU B 294 -12.31 -16.74 15.19
C GLU B 294 -12.44 -15.25 14.84
N MET B 295 -11.69 -14.36 15.54
CA MET B 295 -11.69 -12.91 15.24
C MET B 295 -11.24 -12.75 13.80
N LEU B 296 -10.13 -13.42 13.46
CA LEU B 296 -9.58 -13.44 12.11
C LEU B 296 -10.60 -13.87 11.04
N SER B 297 -11.49 -14.84 11.36
CA SER B 297 -12.51 -15.33 10.41
C SER B 297 -13.47 -14.28 9.89
N GLY B 298 -13.82 -13.31 10.73
CA GLY B 298 -14.73 -12.24 10.37
C GLY B 298 -14.13 -10.91 10.00
N THR B 299 -12.81 -10.85 9.75
CA THR B 299 -12.19 -9.58 9.38
C THR B 299 -12.54 -9.21 7.95
N GLY B 300 -12.59 -7.92 7.69
CA GLY B 300 -12.85 -7.34 6.39
C GLY B 300 -11.60 -6.69 5.86
N ILE B 301 -11.69 -6.18 4.65
CA ILE B 301 -10.57 -5.52 3.97
C ILE B 301 -10.07 -4.28 4.74
N CYS B 302 -10.96 -3.56 5.42
CA CYS B 302 -10.61 -2.34 6.15
C CYS B 302 -10.42 -2.52 7.68
N ASP B 303 -10.15 -3.73 8.16
CA ASP B 303 -10.01 -4.03 9.59
C ASP B 303 -8.55 -4.18 10.10
N THR B 304 -7.57 -3.54 9.42
CA THR B 304 -6.17 -3.57 9.83
C THR B 304 -5.64 -2.15 10.06
N ALA B 305 -4.48 -2.03 10.75
CA ALA B 305 -3.86 -0.74 11.03
C ALA B 305 -2.35 -0.86 11.15
N TYR B 306 -1.65 0.27 10.88
CA TYR B 306 -0.20 0.34 10.98
C TYR B 306 0.22 0.78 12.38
N ALA B 307 0.84 -0.14 13.11
CA ALA B 307 1.32 0.11 14.47
C ALA B 307 2.86 0.18 14.44
N PRO B 308 3.54 0.70 15.47
CA PRO B 308 5.02 0.66 15.47
C PRO B 308 5.57 -0.77 15.66
N SER B 309 6.72 -1.06 15.04
CA SER B 309 7.35 -2.39 15.11
C SER B 309 8.10 -2.57 16.39
N GLU B 310 8.10 -3.80 16.91
CA GLU B 310 8.83 -4.13 18.13
C GLU B 310 10.34 -4.02 17.92
N THR B 311 10.88 -4.69 16.88
CA THR B 311 12.33 -4.74 16.63
C THR B 311 13.01 -3.39 16.36
N LEU B 312 12.41 -2.53 15.50
CA LEU B 312 12.98 -1.23 15.11
C LEU B 312 11.99 -0.09 15.43
N PHE B 313 11.57 -0.04 16.70
CA PHE B 313 10.60 0.93 17.23
C PHE B 313 10.96 2.39 16.99
N GLU B 314 12.11 2.84 17.53
CA GLU B 314 12.59 4.23 17.49
C GLU B 314 12.72 4.83 16.09
N PHE B 315 12.99 3.99 15.06
CA PHE B 315 13.17 4.47 13.68
C PHE B 315 11.87 4.61 12.88
N GLY B 316 10.70 4.49 13.52
CA GLY B 316 9.42 4.61 12.85
C GLY B 316 9.08 3.44 11.95
N THR B 317 9.60 2.23 12.25
CA THR B 317 9.31 1.03 11.47
C THR B 317 7.89 0.60 11.83
N LYS B 318 7.03 0.41 10.84
CA LYS B 318 5.64 0.09 11.08
C LYS B 318 5.37 -1.39 10.91
N VAL B 319 4.24 -1.86 11.45
CA VAL B 319 3.79 -3.24 11.41
C VAL B 319 2.25 -3.24 11.21
N GLN B 320 1.72 -3.96 10.22
CA GLN B 320 0.27 -4.02 10.00
C GLN B 320 -0.33 -5.06 10.94
N VAL B 321 -1.29 -4.63 11.77
CA VAL B 321 -1.95 -5.44 12.80
C VAL B 321 -3.47 -5.38 12.67
N LEU B 322 -4.13 -6.25 13.41
CA LEU B 322 -5.59 -6.34 13.49
C LEU B 322 -6.16 -5.13 14.26
N LYS B 323 -7.25 -4.57 13.75
CA LYS B 323 -7.95 -3.42 14.30
C LYS B 323 -9.29 -3.79 14.94
N LYS B 324 -9.98 -4.82 14.41
CA LYS B 324 -11.31 -5.24 14.87
C LYS B 324 -11.30 -6.02 16.20
N GLY B 325 -11.81 -5.35 17.24
CA GLY B 325 -11.97 -5.88 18.59
C GLY B 325 -10.79 -5.65 19.52
N THR B 326 -9.86 -4.74 19.14
CA THR B 326 -8.65 -4.46 19.92
C THR B 326 -8.24 -2.98 19.84
N LEU B 327 -7.66 -2.45 20.93
CA LEU B 327 -7.20 -1.06 21.03
C LEU B 327 -5.68 -1.00 20.86
N PHE B 328 -5.02 -2.17 20.71
CA PHE B 328 -3.58 -2.29 20.57
C PHE B 328 -2.95 -1.39 19.49
N PRO B 329 -3.50 -1.28 18.27
CA PRO B 329 -2.87 -0.38 17.29
C PRO B 329 -2.83 1.08 17.72
N VAL B 330 -3.89 1.55 18.41
CA VAL B 330 -3.99 2.95 18.87
C VAL B 330 -3.07 3.16 20.05
N ARG B 331 -3.14 2.23 21.02
CA ARG B 331 -2.32 2.24 22.23
C ARG B 331 -0.81 2.12 21.91
N ALA B 332 -0.44 1.26 20.95
CA ALA B 332 0.95 1.10 20.52
C ALA B 332 1.44 2.37 19.81
N ASN B 333 0.61 2.94 18.93
CA ASN B 333 0.95 4.19 18.21
C ASN B 333 1.07 5.35 19.19
N LYS B 334 0.26 5.36 20.28
CA LYS B 334 0.33 6.41 21.28
C LYS B 334 1.67 6.35 22.03
N LEU B 335 2.17 5.12 22.31
CA LEU B 335 3.48 4.97 22.98
C LEU B 335 4.63 5.53 22.14
N PHE B 336 4.54 5.44 20.80
CA PHE B 336 5.60 5.99 19.94
C PHE B 336 5.61 7.51 19.98
N GLN B 337 4.41 8.16 19.90
CA GLN B 337 4.35 9.63 19.92
C GLN B 337 4.92 10.21 21.22
N ILE B 338 4.75 9.49 22.36
CA ILE B 338 5.31 9.94 23.63
C ILE B 338 6.83 9.73 23.70
N TYR B 339 7.36 8.63 23.10
CA TYR B 339 8.81 8.40 23.03
C TYR B 339 9.53 9.55 22.30
N GLN B 340 8.92 10.09 21.23
CA GLN B 340 9.50 11.19 20.47
C GLN B 340 9.28 12.55 21.16
N GLN B 341 8.15 12.74 21.88
CA GLN B 341 7.88 14.02 22.55
C GLN B 341 8.64 14.21 23.87
N TYR B 342 8.91 13.12 24.62
CA TYR B 342 9.64 13.17 25.89
C TYR B 342 10.97 12.40 25.80
N GLU B 343 12.05 12.95 26.42
CA GLU B 343 13.38 12.32 26.44
C GLU B 343 13.54 11.41 27.64
N SER B 344 13.09 11.84 28.83
CA SER B 344 13.17 10.99 30.02
C SER B 344 11.85 10.28 30.23
N LEU B 345 11.91 9.11 30.88
CA LEU B 345 10.73 8.32 31.21
C LEU B 345 9.90 9.02 32.29
N SER B 346 10.57 9.74 33.22
CA SER B 346 9.89 10.46 34.31
C SER B 346 9.28 11.80 33.87
N GLU B 347 9.63 12.32 32.68
CA GLU B 347 9.10 13.59 32.18
C GLU B 347 7.65 13.47 31.64
N ILE B 348 7.05 12.25 31.64
CA ILE B 348 5.68 12.07 31.15
C ILE B 348 4.74 12.68 32.19
N ASP B 349 3.85 13.61 31.78
CA ASP B 349 2.90 14.27 32.69
C ASP B 349 2.03 13.26 33.48
N GLU B 350 1.70 13.60 34.73
CA GLU B 350 0.94 12.75 35.67
C GLU B 350 -0.38 12.24 35.08
N LYS B 351 -1.11 13.10 34.34
CA LYS B 351 -2.41 12.74 33.74
C LYS B 351 -2.27 11.52 32.83
N THR B 352 -1.30 11.54 31.90
CA THR B 352 -1.07 10.45 30.95
C THR B 352 -0.26 9.29 31.57
N LYS B 353 0.57 9.57 32.59
CA LYS B 353 1.39 8.53 33.25
C LYS B 353 0.51 7.44 33.89
N ILE B 354 -0.63 7.84 34.50
CA ILE B 354 -1.54 6.92 35.18
C ILE B 354 -2.31 5.97 34.26
N GLN B 355 -2.75 6.44 33.08
CA GLN B 355 -3.54 5.58 32.18
C GLN B 355 -2.74 4.43 31.58
N LEU B 356 -1.42 4.62 31.38
CA LEU B 356 -0.55 3.58 30.83
C LEU B 356 -0.37 2.47 31.86
N GLU B 357 -0.07 2.85 33.11
CA GLU B 357 0.16 1.90 34.19
C GLU B 357 -1.08 1.12 34.64
N ASN B 358 -2.30 1.63 34.37
CA ASN B 358 -3.57 1.02 34.79
C ASN B 358 -4.23 0.09 33.79
N ASP B 359 -4.38 0.54 32.52
CA ASP B 359 -5.09 -0.25 31.50
C ASP B 359 -4.26 -0.74 30.30
N TYR B 360 -3.17 -0.05 29.87
CA TYR B 360 -2.35 -0.60 28.79
C TYR B 360 -1.63 -1.84 29.30
N PHE B 361 -0.72 -1.65 30.29
CA PHE B 361 0.13 -2.70 30.87
C PHE B 361 -0.53 -3.45 32.01
N ASN B 362 -1.21 -2.71 32.91
CA ASN B 362 -1.83 -3.21 34.15
C ASN B 362 -0.75 -3.49 35.22
N LYS B 363 0.41 -2.81 35.11
CA LYS B 363 1.55 -2.92 36.03
C LYS B 363 2.32 -1.60 36.00
N THR B 364 2.90 -1.16 37.12
CA THR B 364 3.65 0.12 37.17
C THR B 364 5.04 0.01 36.51
N PHE B 365 5.67 1.17 36.26
CA PHE B 365 6.99 1.25 35.60
C PHE B 365 8.08 0.53 36.37
N ASP B 366 8.12 0.72 37.71
CA ASP B 366 9.13 0.10 38.56
C ASP B 366 9.02 -1.42 38.60
N GLU B 367 7.80 -1.98 38.75
CA GLU B 367 7.64 -3.46 38.79
C GLU B 367 7.90 -4.09 37.41
N ILE B 368 7.67 -3.34 36.30
CA ILE B 368 7.97 -3.81 34.95
C ILE B 368 9.48 -3.87 34.81
N TYR B 369 10.17 -2.76 35.18
CA TYR B 369 11.63 -2.68 35.14
C TYR B 369 12.27 -3.77 36.01
N GLU B 370 11.70 -4.07 37.20
CA GLU B 370 12.19 -5.12 38.11
C GLU B 370 12.20 -6.51 37.43
N SER B 371 11.20 -6.79 36.58
CA SER B 371 11.12 -8.06 35.85
C SER B 371 12.11 -8.07 34.68
N LEU B 372 12.29 -6.92 33.99
CA LEU B 372 13.21 -6.84 32.84
C LEU B 372 14.68 -6.77 33.23
N ILE B 373 15.04 -6.38 34.47
CA ILE B 373 16.44 -6.44 34.93
C ILE B 373 16.76 -7.89 35.31
N GLU B 374 15.72 -8.68 35.74
CA GLU B 374 15.85 -10.10 36.12
C GLU B 374 16.51 -10.88 34.97
N LYS B 375 15.96 -10.70 33.75
CA LYS B 375 16.53 -11.31 32.55
C LYS B 375 17.41 -10.23 31.96
N GLN B 376 18.69 -10.52 31.75
CA GLN B 376 19.65 -9.55 31.19
C GLN B 376 19.92 -8.37 32.13
N PRO B 377 20.50 -8.57 33.32
CA PRO B 377 20.87 -7.41 34.16
C PRO B 377 21.86 -6.44 33.48
N ASN B 378 22.58 -6.89 32.43
CA ASN B 378 23.55 -6.09 31.66
C ASN B 378 22.92 -4.80 31.13
N LEU B 379 21.75 -4.91 30.45
CA LEU B 379 21.03 -3.77 29.88
C LEU B 379 20.72 -2.64 30.88
N ALA B 380 20.64 -2.96 32.20
CA ALA B 380 20.38 -1.97 33.22
C ALA B 380 21.50 -0.93 33.27
N GLN B 381 22.76 -1.34 33.03
CA GLN B 381 23.90 -0.42 33.00
C GLN B 381 23.64 0.67 31.96
N LYS B 382 23.06 0.29 30.80
CA LYS B 382 22.69 1.25 29.76
C LYS B 382 21.43 2.04 30.14
N ALA B 383 20.41 1.39 30.79
CA ALA B 383 19.17 2.09 31.18
C ALA B 383 19.44 3.20 32.21
N GLU B 384 20.37 2.97 33.16
CA GLU B 384 20.78 3.96 34.17
C GLU B 384 21.52 5.11 33.50
N ARG B 385 22.37 4.77 32.52
CA ARG B 385 23.19 5.73 31.78
C ARG B 385 22.35 6.60 30.84
N ASN B 386 21.52 5.96 29.97
CA ASN B 386 20.68 6.67 29.00
C ASN B 386 19.21 6.61 29.42
N GLN B 387 18.56 7.76 29.60
CA GLN B 387 17.15 7.83 29.97
C GLN B 387 16.18 7.50 28.82
N LYS B 388 16.65 7.57 27.56
CA LYS B 388 15.83 7.24 26.40
C LYS B 388 15.68 5.72 26.30
N TYR B 389 16.79 4.98 26.42
CA TYR B 389 16.79 3.51 26.37
C TYR B 389 15.91 2.91 27.48
N LYS B 390 15.92 3.49 28.68
CA LYS B 390 15.07 3.04 29.80
C LYS B 390 13.60 3.05 29.36
N MET B 391 13.19 4.13 28.70
CA MET B 391 11.84 4.37 28.17
C MET B 391 11.51 3.38 27.05
N LEU B 392 12.44 3.25 26.10
CA LEU B 392 12.34 2.42 24.88
C LEU B 392 12.00 0.96 25.18
N LEU B 393 12.74 0.31 26.09
CA LEU B 393 12.48 -1.09 26.43
C LEU B 393 11.16 -1.32 27.16
N LEU B 394 10.63 -0.28 27.83
CA LEU B 394 9.34 -0.37 28.52
C LEU B 394 8.22 -0.44 27.49
N PHE B 395 8.26 0.47 26.50
CA PHE B 395 7.26 0.48 25.43
C PHE B 395 7.39 -0.75 24.53
N LYS B 396 8.61 -1.28 24.33
CA LYS B 396 8.81 -2.50 23.54
C LYS B 396 8.16 -3.70 24.22
N TRP B 397 8.07 -3.68 25.56
CA TRP B 397 7.43 -4.75 26.29
C TRP B 397 5.90 -4.74 26.12
N TYR B 398 5.27 -3.57 25.90
CA TYR B 398 3.83 -3.50 25.62
C TYR B 398 3.51 -4.29 24.35
N LEU B 399 4.39 -4.16 23.34
CA LEU B 399 4.23 -4.83 22.07
C LEU B 399 4.42 -6.33 22.25
N GLN B 400 5.41 -6.75 23.09
CA GLN B 400 5.66 -8.17 23.39
C GLN B 400 4.47 -8.73 24.11
N ARG B 401 4.09 -8.06 25.22
CA ARG B 401 2.93 -8.42 26.04
C ARG B 401 1.68 -8.63 25.20
N GLY B 402 1.43 -7.73 24.25
CA GLY B 402 0.28 -7.82 23.36
C GLY B 402 0.28 -9.07 22.50
N CYS B 403 1.46 -9.44 21.99
CA CYS B 403 1.64 -10.64 21.16
C CYS B 403 1.42 -11.91 21.98
N LEU B 404 1.98 -11.95 23.20
CA LEU B 404 1.86 -13.09 24.10
C LEU B 404 0.41 -13.28 24.53
N LEU B 405 -0.29 -12.19 24.89
CA LEU B 405 -1.71 -12.25 25.29
C LEU B 405 -2.60 -12.81 24.18
N ALA B 406 -2.29 -12.50 22.90
CA ALA B 406 -3.07 -13.03 21.77
C ALA B 406 -2.87 -14.54 21.66
N LEU B 407 -1.63 -15.02 21.84
CA LEU B 407 -1.34 -16.45 21.79
C LEU B 407 -1.97 -17.24 22.95
N GLU B 408 -2.18 -16.61 24.12
CA GLU B 408 -2.77 -17.27 25.28
C GLU B 408 -4.25 -17.59 25.14
N GLY B 409 -4.68 -18.64 25.86
CA GLY B 409 -6.06 -19.13 25.90
C GLY B 409 -6.77 -18.86 27.21
N GLN B 410 -8.13 -18.91 27.19
CA GLN B 410 -9.00 -18.65 28.35
C GLN B 410 -8.75 -17.25 28.97
N GLU B 411 -8.45 -16.23 28.11
CA GLU B 411 -8.18 -14.85 28.52
C GLU B 411 -9.08 -13.85 27.79
N GLU B 412 -9.86 -13.08 28.57
CA GLU B 412 -10.80 -12.07 28.08
C GLU B 412 -10.17 -10.66 28.09
N GLN B 413 -8.87 -10.55 27.74
CA GLN B 413 -8.19 -9.24 27.65
C GLN B 413 -7.79 -9.01 26.21
N LYS B 414 -8.82 -9.01 25.35
CA LYS B 414 -8.75 -8.83 23.90
C LYS B 414 -8.37 -7.41 23.51
N VAL B 415 -8.51 -6.44 24.43
CA VAL B 415 -8.17 -5.03 24.19
C VAL B 415 -6.71 -4.83 23.87
N ASN B 416 -5.81 -5.63 24.49
CA ASN B 416 -4.36 -5.51 24.28
C ASN B 416 -3.77 -6.51 23.24
N PHE B 417 -4.60 -7.36 22.60
CA PHE B 417 -4.14 -8.35 21.61
C PHE B 417 -3.45 -7.73 20.40
N GLN B 418 -2.24 -8.20 20.09
CA GLN B 418 -1.50 -7.79 18.91
C GLN B 418 -1.53 -9.00 18.01
N VAL B 419 -2.26 -8.90 16.91
CA VAL B 419 -2.38 -9.95 15.92
C VAL B 419 -1.93 -9.32 14.62
N HIS B 420 -0.77 -9.78 14.08
CA HIS B 420 -0.24 -9.28 12.83
C HIS B 420 -1.15 -9.81 11.73
N CYS B 421 -1.61 -8.93 10.84
CA CYS B 421 -2.57 -9.28 9.80
C CYS B 421 -2.59 -8.17 8.73
N GLY B 422 -3.03 -8.54 7.52
CA GLY B 422 -3.11 -7.65 6.36
C GLY B 422 -4.47 -7.74 5.70
N PRO B 423 -4.79 -6.79 4.79
CA PRO B 423 -6.09 -6.85 4.10
C PRO B 423 -6.39 -8.15 3.33
N SER B 424 -5.32 -8.92 2.99
CA SER B 424 -5.40 -10.18 2.27
C SER B 424 -6.33 -11.17 2.97
N LEU B 425 -6.30 -11.22 4.32
CA LEU B 425 -7.19 -12.11 5.05
C LEU B 425 -8.64 -11.70 4.83
N GLY B 426 -8.90 -10.40 4.95
CA GLY B 426 -10.22 -9.84 4.71
C GLY B 426 -10.70 -10.16 3.32
N ALA B 427 -9.81 -10.08 2.33
CA ALA B 427 -10.14 -10.40 0.94
C ALA B 427 -10.46 -11.89 0.78
N PHE B 428 -9.69 -12.74 1.46
CA PHE B 428 -9.88 -14.20 1.45
C PHE B 428 -11.25 -14.57 2.02
N ASN B 429 -11.57 -14.00 3.21
CA ASN B 429 -12.85 -14.18 3.92
C ASN B 429 -14.03 -13.85 3.00
N HIS B 430 -13.98 -12.70 2.34
CA HIS B 430 -15.00 -12.26 1.40
C HIS B 430 -15.15 -13.22 0.21
N TRP B 431 -14.05 -13.79 -0.25
CA TRP B 431 -14.06 -14.75 -1.36
C TRP B 431 -14.71 -16.07 -0.89
N VAL B 432 -14.33 -16.58 0.30
CA VAL B 432 -14.93 -17.80 0.87
C VAL B 432 -16.31 -17.59 1.54
N LYS B 433 -16.82 -16.36 1.64
CA LYS B 433 -18.14 -16.08 2.22
C LYS B 433 -19.20 -16.85 1.43
N GLY B 434 -20.06 -17.60 2.13
CA GLY B 434 -21.10 -18.42 1.55
C GLY B 434 -20.80 -19.91 1.56
N THR B 435 -19.51 -20.28 1.47
CA THR B 435 -19.07 -21.67 1.47
C THR B 435 -18.86 -22.20 2.88
N ASP B 436 -18.53 -23.49 3.01
CA ASP B 436 -18.25 -24.13 4.31
C ASP B 436 -16.96 -23.59 4.96
N LEU B 437 -16.08 -22.95 4.16
CA LEU B 437 -14.81 -22.40 4.63
C LEU B 437 -14.91 -21.13 5.49
N GLU B 438 -16.13 -20.56 5.71
CA GLU B 438 -16.35 -19.40 6.60
C GLU B 438 -15.76 -19.64 8.00
N SER B 439 -15.95 -20.84 8.55
CA SER B 439 -15.40 -21.18 9.87
C SER B 439 -13.93 -21.55 9.70
N TRP B 440 -13.07 -21.11 10.61
CA TRP B 440 -11.64 -21.44 10.55
C TRP B 440 -11.35 -22.92 10.77
N ARG B 441 -12.25 -23.58 11.51
CA ARG B 441 -12.13 -24.99 11.83
C ARG B 441 -12.21 -25.88 10.57
N ASN B 442 -12.76 -25.36 9.44
CA ASN B 442 -12.79 -26.05 8.14
C ASN B 442 -11.68 -25.54 7.18
N ARG B 443 -10.72 -24.71 7.66
CA ARG B 443 -9.68 -24.17 6.80
C ARG B 443 -8.39 -24.93 7.01
N HIS B 444 -8.03 -25.79 6.03
CA HIS B 444 -6.78 -26.53 6.12
C HIS B 444 -5.79 -25.83 5.23
N VAL B 445 -4.61 -25.46 5.79
CA VAL B 445 -3.54 -24.72 5.12
C VAL B 445 -3.17 -25.22 3.70
N ASP B 446 -3.18 -26.53 3.49
CA ASP B 446 -2.85 -27.15 2.20
C ASP B 446 -4.01 -27.02 1.22
N ASP B 447 -5.26 -27.21 1.68
CA ASP B 447 -6.45 -27.13 0.82
C ASP B 447 -6.76 -25.69 0.44
N ILE B 448 -6.53 -24.71 1.34
CA ILE B 448 -6.71 -23.29 1.00
C ILE B 448 -5.69 -22.87 -0.07
N GLY B 449 -4.45 -23.33 0.07
CA GLY B 449 -3.40 -23.10 -0.92
C GLY B 449 -3.70 -23.79 -2.23
N GLU B 450 -4.11 -25.07 -2.17
CA GLU B 450 -4.49 -25.86 -3.34
C GLU B 450 -5.64 -25.19 -4.10
N LYS B 451 -6.69 -24.73 -3.36
CA LYS B 451 -7.84 -24.04 -3.97
C LYS B 451 -7.42 -22.72 -4.60
N LEU B 452 -6.62 -21.93 -3.84
CA LEU B 452 -6.14 -20.62 -4.28
C LEU B 452 -5.39 -20.81 -5.57
N MET B 453 -4.46 -21.78 -5.61
CA MET B 453 -3.63 -22.09 -6.78
C MET B 453 -4.45 -22.55 -7.97
N ASN B 454 -5.46 -23.40 -7.74
CA ASN B 454 -6.28 -23.92 -8.84
C ASN B 454 -7.24 -22.85 -9.38
N GLU B 455 -7.86 -22.01 -8.50
CA GLU B 455 -8.75 -20.96 -8.99
C GLU B 455 -7.95 -19.86 -9.69
N THR B 456 -6.72 -19.59 -9.24
CA THR B 456 -5.83 -18.62 -9.89
C THR B 456 -5.55 -19.05 -11.33
N GLU B 457 -5.17 -20.31 -11.54
CA GLU B 457 -4.90 -20.81 -12.89
C GLU B 457 -6.19 -20.80 -13.71
N SER B 458 -7.36 -21.16 -13.11
CA SER B 458 -8.66 -21.11 -13.79
C SER B 458 -9.01 -19.67 -14.21
N LEU B 459 -8.79 -18.70 -13.31
CA LEU B 459 -9.07 -17.30 -13.61
C LEU B 459 -8.16 -16.80 -14.71
N LEU B 460 -6.86 -17.01 -14.57
CA LEU B 460 -5.90 -16.57 -15.58
C LEU B 460 -6.32 -17.04 -16.96
N ARG B 461 -6.55 -18.36 -17.10
CA ARG B 461 -6.97 -18.98 -18.37
C ARG B 461 -8.24 -18.35 -18.88
N ARG B 462 -9.22 -18.17 -17.98
CA ARG B 462 -10.49 -17.52 -18.33
C ARG B 462 -10.29 -16.05 -18.72
N ARG B 463 -9.93 -15.19 -17.74
CA ARG B 463 -9.76 -13.73 -17.91
C ARG B 463 -8.93 -13.35 -19.14
N LEU B 464 -7.82 -14.07 -19.40
CA LEU B 464 -6.98 -13.79 -20.57
C LEU B 464 -7.76 -13.99 -21.86
N ASP B 465 -8.54 -15.09 -21.95
CA ASP B 465 -9.36 -15.33 -23.13
C ASP B 465 -10.56 -14.36 -23.21
N THR B 466 -11.19 -14.01 -22.05
CA THR B 466 -12.32 -13.08 -22.02
C THR B 466 -11.76 -11.65 -22.06
N LEU B 467 -11.31 -11.22 -23.24
CA LEU B 467 -10.72 -9.88 -23.45
C LEU B 467 -11.69 -8.98 -24.19
N1 FMN C . -7.49 13.45 -6.65
C2 FMN C . -8.60 14.20 -6.43
O2 FMN C . -9.72 13.69 -6.36
N3 FMN C . -8.50 15.57 -6.27
C4 FMN C . -7.33 16.30 -6.29
O4 FMN C . -7.37 17.51 -6.15
C4A FMN C . -6.14 15.49 -6.52
N5 FMN C . -4.97 16.10 -6.56
C5A FMN C . -3.85 15.34 -6.85
C6 FMN C . -2.64 16.00 -7.10
C7 FMN C . -1.53 15.34 -7.61
C7M FMN C . -0.36 16.15 -8.10
C8 FMN C . -1.59 13.95 -7.79
C8M FMN C . -0.44 13.18 -8.37
C9 FMN C . -2.77 13.28 -7.47
C9A FMN C . -3.91 13.95 -7.05
N10 FMN C . -5.19 13.31 -6.95
C10 FMN C . -6.32 14.06 -6.70
C1' FMN C . -5.29 11.86 -7.14
C2' FMN C . -5.25 11.50 -8.63
O2' FMN C . -6.22 12.28 -9.34
C3' FMN C . -5.43 10.00 -8.88
O3' FMN C . -6.63 9.56 -8.25
C4' FMN C . -4.32 9.06 -8.42
O4' FMN C . -3.14 9.78 -8.04
C5' FMN C . -4.02 8.00 -9.45
O5' FMN C . -2.98 7.15 -8.91
P FMN C . -1.42 7.34 -9.16
O1P FMN C . -1.14 7.54 -10.66
O2P FMN C . -1.03 8.52 -8.24
O3P FMN C . -0.72 6.12 -8.54
HN3 FMN C . -9.23 16.00 -6.13
H6 FMN C . -2.57 16.95 -6.92
HM71 FMN C . 0.34 15.55 -8.43
HM72 FMN C . -0.01 16.69 -7.38
HM73 FMN C . -0.65 16.73 -8.84
HM81 FMN C . -0.66 12.24 -8.42
HM82 FMN C . 0.35 13.30 -7.81
HM83 FMN C . -0.25 13.50 -9.27
H9 FMN C . -2.78 12.30 -7.55
N1 FMN D . 7.63 -12.81 8.14
C2 FMN D . 8.88 -13.20 8.56
O2 FMN D . 9.82 -13.38 7.78
N3 FMN D . 9.11 -13.47 9.88
C4 FMN D . 8.16 -13.45 10.89
O4 FMN D . 8.49 -13.80 12.02
C4A FMN D . 6.82 -13.07 10.45
N5 FMN D . 5.84 -13.14 11.31
C5A FMN D . 4.54 -12.98 10.84
C6 FMN D . 3.47 -13.27 11.71
C7 FMN D . 2.16 -13.16 11.30
C7M FMN D . 1.07 -13.64 12.22
C8 FMN D . 1.87 -12.75 9.98
C8M FMN D . 0.45 -12.61 9.49
C9 FMN D . 2.93 -12.51 9.11
C9A FMN D . 4.27 -12.64 9.51
N10 FMN D . 5.37 -12.49 8.61
C10 FMN D . 6.64 -12.75 9.04
C1' FMN D . 5.15 -12.02 7.23
C2' FMN D . 4.69 -13.22 6.39
O2' FMN D . 5.73 -14.20 6.43
C3' FMN D . 4.35 -12.89 4.95
O3' FMN D . 5.55 -12.64 4.23
C4' FMN D . 3.39 -11.72 4.73
O4' FMN D . 2.37 -11.66 5.72
C5' FMN D . 2.82 -11.73 3.33
O5' FMN D . 1.77 -10.74 3.34
P FMN D . 0.24 -11.06 3.31
O1P FMN D . 0.03 -12.25 2.34
O2P FMN D . -0.10 -11.29 4.77
O3P FMN D . -0.52 -9.77 2.90
HN3 FMN D . 9.92 -13.67 10.10
H6 FMN D . 3.67 -13.54 12.61
HM71 FMN D . 0.21 -13.52 11.81
HM72 FMN D . 1.11 -13.15 13.05
HM73 FMN D . 1.20 -14.58 12.40
HM81 FMN D . 0.46 -12.33 8.56
HM82 FMN D . -0.01 -11.96 10.03
HM83 FMN D . 0.00 -13.47 9.55
H9 FMN D . 2.74 -12.24 8.20
#